data_5UOF
#
_entry.id   5UOF
#
_cell.length_a   117.580
_cell.length_b   128.920
_cell.length_c   85.960
_cell.angle_alpha   90.000
_cell.angle_beta   90.000
_cell.angle_gamma   90.000
#
_symmetry.space_group_name_H-M   'P 21 21 2'
#
loop_
_entity.id
_entity.type
_entity.pdbx_description
1 polymer 'Alpha,alpha-trehalose-phosphate synthase (UDP-forming)'
2 non-polymer 'SODIUM ION'
3 non-polymer 1,2-ETHANEDIOL
4 non-polymer SERINE
5 water water
#
_entity_poly.entity_id   1
_entity_poly.type   'polypeptide(L)'
_entity_poly.pdbx_seq_one_letter_code
;MAHHHHHHMSRLIVVSNRVAIGEDTRPSAGGLAVGVMDALQETGGVWFGWNGEIVGTPDAAPAIRRDGNVTYATVGLTRR
DYDQYYRGFSNATLWPVFHYRGDLARFDRQEYAGYLRVNAMLAKQLAALLRPDDLIWVHDYHLLPFAHALRELGVKNPIG
FFLHIPFPSPDVLRLVPPHDELVKFMCAYDVTGFQTDADRQAFTDYIERRGIGTASEDGMLHAHGRVVKVAAYPIGVYPD
AIAQAAVQYGARKPVKMLRDALGGRKLVMSVDRLDYSKGLVERFQAFERMLANAPGWQGRVSLVQIAPPTRSDVQTYQRI
RETLEGEAGRINGRFSQLDWTPIQYLNRKYERNLLMAFFRMSQVGYVTPLRDGMNLVAKEYVASQDPADPGVLVLSEFAG
AAAELTGALLVNPYDLSQMADALERALSMPLAERQARHEENLARLRANDLSVWRDTFVADLRSVAAAASVTQRAGRRIAH
A
;
_entity_poly.pdbx_strand_id   A,B
#
loop_
_chem_comp.id
_chem_comp.type
_chem_comp.name
_chem_comp.formula
EDO non-polymer 1,2-ETHANEDIOL 'C2 H6 O2'
NA non-polymer 'SODIUM ION' 'Na 1'
#
# COMPACT_ATOMS: atom_id res chain seq x y z
N HIS A 8 -13.79 -7.35 -45.46
CA HIS A 8 -14.21 -6.37 -44.46
C HIS A 8 -13.85 -6.88 -43.07
N MET A 9 -13.69 -5.96 -42.12
CA MET A 9 -13.40 -6.31 -40.74
C MET A 9 -14.44 -5.68 -39.83
N SER A 10 -14.51 -6.19 -38.60
CA SER A 10 -15.47 -5.68 -37.65
C SER A 10 -15.11 -4.28 -37.19
N ARG A 11 -16.13 -3.50 -36.84
CA ARG A 11 -15.88 -2.18 -36.27
C ARG A 11 -15.20 -2.31 -34.92
N LEU A 12 -14.22 -1.45 -34.69
CA LEU A 12 -13.73 -1.18 -33.34
C LEU A 12 -14.59 -0.11 -32.71
N ILE A 13 -15.10 -0.38 -31.51
CA ILE A 13 -15.87 0.57 -30.73
C ILE A 13 -14.98 0.97 -29.56
N VAL A 14 -14.47 2.19 -29.58
CA VAL A 14 -13.69 2.72 -28.47
C VAL A 14 -14.65 3.42 -27.51
N VAL A 15 -14.54 3.09 -26.22
CA VAL A 15 -15.33 3.71 -25.17
C VAL A 15 -14.36 4.34 -24.18
N SER A 16 -14.43 5.67 -24.01
CA SER A 16 -13.52 6.36 -23.11
C SER A 16 -14.18 7.59 -22.52
N ASN A 17 -13.40 8.36 -21.74
CA ASN A 17 -13.96 9.47 -20.97
C ASN A 17 -14.45 10.59 -21.86
N ARG A 18 -13.72 10.88 -22.94
CA ARG A 18 -13.98 12.09 -23.70
C ARG A 18 -13.73 11.84 -25.18
N VAL A 19 -14.69 12.21 -26.01
CA VAL A 19 -14.49 12.26 -27.46
C VAL A 19 -14.23 13.72 -27.81
N ALA A 20 -13.02 14.02 -28.24
CA ALA A 20 -12.64 15.38 -28.63
C ALA A 20 -12.71 15.50 -30.14
N ILE A 21 -13.39 16.55 -30.61
CA ILE A 21 -13.51 16.78 -32.04
C ILE A 21 -12.17 17.24 -32.59
N GLY A 22 -11.72 16.60 -33.67
CA GLY A 22 -10.54 17.00 -34.40
C GLY A 22 -9.27 17.13 -33.57
N GLU A 23 -9.10 16.28 -32.57
CA GLU A 23 -7.84 16.25 -31.84
C GLU A 23 -6.71 15.82 -32.76
N ASP A 24 -5.51 16.34 -32.49
CA ASP A 24 -4.36 16.00 -33.31
C ASP A 24 -4.02 14.53 -33.17
N THR A 25 -3.83 13.85 -34.31
CA THR A 25 -3.47 12.43 -34.31
C THR A 25 -2.20 12.17 -35.11
N ARG A 26 -1.42 13.21 -35.43
CA ARG A 26 -0.10 12.99 -35.99
C ARG A 26 0.74 12.19 -35.00
N PRO A 27 1.74 11.46 -35.49
CA PRO A 27 2.50 10.57 -34.59
C PRO A 27 3.20 11.29 -33.43
N SER A 28 3.55 12.57 -33.60
CA SER A 28 4.18 13.30 -32.51
C SER A 28 3.19 13.66 -31.41
N ALA A 29 1.90 13.66 -31.71
CA ALA A 29 0.88 14.15 -30.79
C ALA A 29 0.76 13.24 -29.57
N GLY A 30 -0.03 13.70 -28.59
CA GLY A 30 -0.33 12.93 -27.40
C GLY A 30 -1.84 12.76 -27.27
N GLY A 31 -2.22 11.90 -26.33
CA GLY A 31 -3.62 11.65 -26.04
C GLY A 31 -4.07 10.29 -26.54
N LEU A 32 -5.28 9.91 -26.13
CA LEU A 32 -5.81 8.62 -26.54
C LEU A 32 -6.07 8.59 -28.04
N ALA A 33 -6.41 9.74 -28.63
CA ALA A 33 -6.75 9.79 -30.05
C ALA A 33 -5.61 9.24 -30.91
N VAL A 34 -4.37 9.65 -30.63
CA VAL A 34 -3.27 9.17 -31.46
C VAL A 34 -3.07 7.66 -31.25
N GLY A 35 -3.41 7.15 -30.06
CA GLY A 35 -3.30 5.73 -29.81
C GLY A 35 -4.31 4.88 -30.57
N VAL A 36 -5.52 5.39 -30.79
CA VAL A 36 -6.59 4.55 -31.33
C VAL A 36 -7.06 4.96 -32.72
N MET A 37 -6.64 6.12 -33.23
CA MET A 37 -7.33 6.63 -34.42
C MET A 37 -7.07 5.74 -35.64
N ASP A 38 -5.84 5.24 -35.79
CA ASP A 38 -5.53 4.37 -36.93
C ASP A 38 -6.43 3.14 -36.94
N ALA A 39 -6.73 2.58 -35.77
CA ALA A 39 -7.62 1.41 -35.69
C ALA A 39 -9.06 1.79 -35.97
N LEU A 40 -9.51 2.95 -35.47
CA LEU A 40 -10.86 3.40 -35.78
C LEU A 40 -11.01 3.66 -37.28
N GLN A 41 -10.02 4.33 -37.89
CA GLN A 41 -10.09 4.62 -39.31
C GLN A 41 -10.08 3.35 -40.14
N GLU A 42 -9.23 2.39 -39.76
CA GLU A 42 -9.08 1.17 -40.53
C GLU A 42 -10.35 0.33 -40.50
N THR A 43 -11.05 0.28 -39.36
CA THR A 43 -12.23 -0.54 -39.19
C THR A 43 -13.55 0.20 -39.41
N GLY A 44 -13.51 1.49 -39.73
CA GLY A 44 -14.74 2.25 -39.84
C GLY A 44 -15.53 2.23 -38.56
N GLY A 45 -14.84 2.45 -37.44
CA GLY A 45 -15.40 2.22 -36.13
C GLY A 45 -16.11 3.43 -35.54
N VAL A 46 -16.39 3.33 -34.24
CA VAL A 46 -17.13 4.32 -33.49
C VAL A 46 -16.35 4.63 -32.21
N TRP A 47 -16.21 5.92 -31.90
CA TRP A 47 -15.69 6.37 -30.61
C TRP A 47 -16.87 6.94 -29.85
N PHE A 48 -17.17 6.31 -28.70
CA PHE A 48 -18.32 6.65 -27.87
C PHE A 48 -17.83 7.23 -26.56
N GLY A 49 -18.48 8.30 -26.12
CA GLY A 49 -18.15 8.90 -24.84
C GLY A 49 -18.73 10.29 -24.70
N TRP A 50 -18.26 10.98 -23.67
CA TRP A 50 -18.73 12.33 -23.33
C TRP A 50 -18.28 13.35 -24.38
N ASN A 51 -19.15 14.32 -24.65
CA ASN A 51 -18.80 15.43 -25.54
C ASN A 51 -18.21 16.63 -24.80
N GLY A 52 -17.96 16.51 -23.50
CA GLY A 52 -17.42 17.62 -22.75
C GLY A 52 -18.43 18.67 -22.30
N GLU A 53 -19.71 18.48 -22.60
CA GLU A 53 -20.74 19.47 -22.29
C GLU A 53 -21.60 18.99 -21.12
N ILE A 54 -22.12 19.96 -20.37
CA ILE A 54 -23.12 19.71 -19.34
C ILE A 54 -24.48 20.03 -19.92
N VAL A 55 -25.47 19.16 -19.67
CA VAL A 55 -26.82 19.34 -20.17
C VAL A 55 -27.78 19.30 -18.99
N GLY A 56 -28.95 19.92 -19.19
CA GLY A 56 -29.91 20.03 -18.09
C GLY A 56 -30.52 18.69 -17.71
N THR A 57 -31.04 17.98 -18.70
CA THR A 57 -31.60 16.64 -18.55
C THR A 57 -30.78 15.67 -19.39
N PRO A 58 -30.78 14.39 -19.04
CA PRO A 58 -29.99 13.41 -19.82
C PRO A 58 -30.34 13.45 -21.30
N ASP A 59 -29.32 13.31 -22.14
CA ASP A 59 -29.55 13.16 -23.57
C ASP A 59 -30.35 11.89 -23.83
N ALA A 60 -31.37 12.00 -24.68
CA ALA A 60 -32.17 10.82 -25.02
C ALA A 60 -31.31 9.76 -25.69
N ALA A 61 -30.48 10.16 -26.65
CA ALA A 61 -29.66 9.27 -27.44
C ALA A 61 -28.41 10.01 -27.85
N PRO A 62 -27.32 9.32 -28.16
CA PRO A 62 -26.08 10.02 -28.49
C PRO A 62 -26.17 10.75 -29.82
N ALA A 63 -25.45 11.87 -29.90
CA ALA A 63 -25.32 12.59 -31.16
C ALA A 63 -24.34 11.86 -32.06
N ILE A 64 -24.59 11.89 -33.36
CA ILE A 64 -23.79 11.14 -34.31
C ILE A 64 -23.12 12.11 -35.26
N ARG A 65 -21.78 12.07 -35.31
CA ARG A 65 -20.99 12.88 -36.21
C ARG A 65 -19.98 11.98 -36.93
N ARG A 66 -19.91 12.12 -38.24
CA ARG A 66 -18.96 11.36 -39.04
C ARG A 66 -17.80 12.25 -39.46
N ASP A 67 -16.59 11.74 -39.32
CA ASP A 67 -15.38 12.39 -39.81
C ASP A 67 -14.61 11.36 -40.62
N GLY A 68 -14.68 11.48 -41.94
CA GLY A 68 -14.07 10.45 -42.77
C GLY A 68 -14.76 9.13 -42.56
N ASN A 69 -14.00 8.14 -42.10
CA ASN A 69 -14.49 6.78 -41.93
C ASN A 69 -14.87 6.47 -40.49
N VAL A 70 -14.77 7.44 -39.59
CA VAL A 70 -14.96 7.21 -38.16
C VAL A 70 -16.24 7.92 -37.73
N THR A 71 -17.01 7.24 -36.89
CA THR A 71 -18.21 7.82 -36.30
C THR A 71 -17.92 8.20 -34.85
N TYR A 72 -18.34 9.41 -34.47
CA TYR A 72 -18.23 9.87 -33.10
C TYR A 72 -19.63 9.93 -32.51
N ALA A 73 -19.87 9.11 -31.50
CA ALA A 73 -21.18 8.96 -30.85
C ALA A 73 -21.05 9.50 -29.44
N THR A 74 -21.66 10.66 -29.18
CA THR A 74 -21.38 11.40 -27.95
C THR A 74 -22.67 11.80 -27.26
N VAL A 75 -22.58 11.89 -25.92
CA VAL A 75 -23.65 12.43 -25.08
C VAL A 75 -23.06 13.53 -24.22
N GLY A 76 -23.91 14.48 -23.83
CA GLY A 76 -23.60 15.32 -22.70
C GLY A 76 -23.87 14.57 -21.41
N LEU A 77 -23.46 15.18 -20.30
CA LEU A 77 -23.73 14.68 -18.97
C LEU A 77 -24.47 15.73 -18.17
N THR A 78 -25.44 15.30 -17.36
CA THR A 78 -26.00 16.26 -16.40
C THR A 78 -24.96 16.56 -15.33
N ARG A 79 -25.23 17.59 -14.52
CA ARG A 79 -24.34 17.89 -13.41
C ARG A 79 -24.27 16.71 -12.45
N ARG A 80 -25.41 16.06 -12.20
CA ARG A 80 -25.42 14.89 -11.32
C ARG A 80 -24.61 13.75 -11.91
N ASP A 81 -24.76 13.50 -13.22
CA ASP A 81 -23.96 12.46 -13.86
C ASP A 81 -22.48 12.82 -13.86
N TYR A 82 -22.15 14.08 -14.15
CA TYR A 82 -20.75 14.51 -14.11
C TYR A 82 -20.16 14.29 -12.73
N ASP A 83 -20.89 14.69 -11.68
CA ASP A 83 -20.35 14.56 -10.33
C ASP A 83 -20.13 13.10 -9.96
N GLN A 84 -21.08 12.23 -10.28
CA GLN A 84 -20.95 10.82 -9.92
C GLN A 84 -19.86 10.11 -10.71
N TYR A 85 -19.52 10.62 -11.90
CA TYR A 85 -18.49 10.04 -12.75
C TYR A 85 -17.10 10.57 -12.40
N TYR A 86 -16.97 11.90 -12.22
CA TYR A 86 -15.65 12.52 -12.04
C TYR A 86 -15.36 13.02 -10.63
N ARG A 87 -16.37 13.21 -9.79
CA ARG A 87 -16.18 13.78 -8.46
C ARG A 87 -16.78 12.88 -7.41
N GLY A 88 -16.56 11.57 -7.57
CA GLY A 88 -17.12 10.61 -6.65
C GLY A 88 -16.20 9.44 -6.42
N PHE A 89 -16.73 8.23 -6.59
CA PHE A 89 -16.04 7.03 -6.15
C PHE A 89 -14.74 6.79 -6.91
N SER A 90 -14.73 7.02 -8.23
CA SER A 90 -13.55 6.74 -9.04
CA SER A 90 -13.54 6.70 -9.01
C SER A 90 -12.35 7.53 -8.56
N ASN A 91 -12.55 8.83 -8.31
CA ASN A 91 -11.41 9.66 -7.93
C ASN A 91 -11.23 9.76 -6.42
N ALA A 92 -12.29 9.56 -5.64
CA ALA A 92 -12.16 9.60 -4.19
C ALA A 92 -11.69 8.29 -3.59
N THR A 93 -11.91 7.16 -4.27
CA THR A 93 -11.57 5.86 -3.71
C THR A 93 -10.65 5.06 -4.62
N LEU A 94 -11.06 4.81 -5.87
CA LEU A 94 -10.27 3.97 -6.77
CA LEU A 94 -10.27 3.95 -6.74
C LEU A 94 -8.90 4.57 -7.05
N TRP A 95 -8.89 5.79 -7.55
CA TRP A 95 -7.61 6.41 -7.93
C TRP A 95 -6.61 6.42 -6.78
N PRO A 96 -6.93 6.90 -5.57
CA PRO A 96 -5.87 6.91 -4.54
C PRO A 96 -5.42 5.52 -4.14
N VAL A 97 -6.33 4.54 -4.01
CA VAL A 97 -5.90 3.21 -3.60
C VAL A 97 -5.03 2.57 -4.68
N PHE A 98 -5.41 2.71 -5.95
CA PHE A 98 -4.61 2.12 -7.01
C PHE A 98 -3.26 2.79 -7.15
N HIS A 99 -3.09 4.02 -6.66
CA HIS A 99 -1.77 4.65 -6.61
C HIS A 99 -1.12 4.47 -5.25
N TYR A 100 -1.55 3.47 -4.49
CA TYR A 100 -0.91 3.07 -3.24
C TYR A 100 -1.00 4.17 -2.19
N ARG A 101 -2.08 4.96 -2.24
CA ARG A 101 -2.37 5.94 -1.20
C ARG A 101 -3.68 5.63 -0.51
N GLY A 102 -3.75 4.50 0.20
CA GLY A 102 -4.94 4.18 0.97
C GLY A 102 -5.32 5.24 1.98
N ASP A 103 -4.34 6.01 2.47
CA ASP A 103 -4.59 7.06 3.45
C ASP A 103 -5.43 8.20 2.88
N LEU A 104 -5.45 8.36 1.56
CA LEU A 104 -6.22 9.45 0.96
C LEU A 104 -7.61 9.01 0.52
N ALA A 105 -7.88 7.71 0.53
CA ALA A 105 -9.15 7.19 0.05
C ALA A 105 -10.28 7.53 1.00
N ARG A 106 -11.44 7.84 0.43
CA ARG A 106 -12.66 8.18 1.17
C ARG A 106 -13.82 7.41 0.54
N PHE A 107 -14.07 6.19 1.01
CA PHE A 107 -15.16 5.40 0.48
C PHE A 107 -16.53 5.88 0.97
N ASP A 108 -17.49 5.95 0.07
CA ASP A 108 -18.86 6.33 0.41
C ASP A 108 -19.83 5.46 -0.37
N ARG A 109 -20.74 4.81 0.33
CA ARG A 109 -21.65 3.87 -0.34
C ARG A 109 -22.44 4.54 -1.44
N GLN A 110 -22.95 5.76 -1.18
CA GLN A 110 -23.81 6.37 -2.18
C GLN A 110 -23.00 6.78 -3.41
N GLU A 111 -21.76 7.21 -3.22
CA GLU A 111 -20.90 7.50 -4.37
C GLU A 111 -20.63 6.24 -5.18
N TYR A 112 -20.40 5.11 -4.51
CA TYR A 112 -20.19 3.87 -5.23
C TYR A 112 -21.43 3.47 -6.02
N ALA A 113 -22.62 3.58 -5.41
CA ALA A 113 -23.84 3.33 -6.16
C ALA A 113 -23.94 4.25 -7.37
N GLY A 114 -23.50 5.51 -7.22
CA GLY A 114 -23.56 6.44 -8.34
C GLY A 114 -22.62 6.06 -9.47
N TYR A 115 -21.44 5.56 -9.12
CA TYR A 115 -20.48 5.04 -10.09
C TYR A 115 -21.07 3.90 -10.91
N LEU A 116 -21.68 2.92 -10.23
CA LEU A 116 -22.38 1.87 -10.95
C LEU A 116 -23.50 2.44 -11.82
N ARG A 117 -24.26 3.40 -11.28
CA ARG A 117 -25.41 3.92 -12.00
C ARG A 117 -25.01 4.60 -13.30
N VAL A 118 -23.97 5.45 -13.26
CA VAL A 118 -23.61 6.16 -14.48
CA VAL A 118 -23.59 6.16 -14.47
C VAL A 118 -22.99 5.22 -15.50
N ASN A 119 -22.26 4.19 -15.04
CA ASN A 119 -21.78 3.20 -15.99
C ASN A 119 -22.94 2.47 -16.66
N ALA A 120 -23.93 2.04 -15.86
CA ALA A 120 -25.09 1.38 -16.43
C ALA A 120 -25.83 2.31 -17.40
N MET A 121 -25.92 3.60 -17.07
CA MET A 121 -26.57 4.56 -17.94
C MET A 121 -25.85 4.66 -19.29
N LEU A 122 -24.53 4.81 -19.25
CA LEU A 122 -23.77 4.96 -20.49
C LEU A 122 -23.79 3.68 -21.31
N ALA A 123 -23.76 2.52 -20.63
CA ALA A 123 -23.80 1.26 -21.37
C ALA A 123 -25.10 1.11 -22.13
N LYS A 124 -26.22 1.50 -21.51
CA LYS A 124 -27.49 1.40 -22.23
C LYS A 124 -27.50 2.32 -23.44
N GLN A 125 -26.86 3.49 -23.35
CA GLN A 125 -26.77 4.37 -24.52
C GLN A 125 -25.97 3.72 -25.64
N LEU A 126 -24.86 3.06 -25.30
CA LEU A 126 -24.02 2.43 -26.33
C LEU A 126 -24.72 1.23 -26.96
N ALA A 127 -25.47 0.46 -26.16
CA ALA A 127 -25.92 -0.87 -26.59
C ALA A 127 -26.75 -0.79 -27.87
N ALA A 128 -27.57 0.25 -28.00
CA ALA A 128 -28.42 0.38 -29.17
C ALA A 128 -27.64 0.62 -30.44
N LEU A 129 -26.39 1.08 -30.33
CA LEU A 129 -25.57 1.36 -31.50
C LEU A 129 -24.73 0.16 -31.95
N LEU A 130 -24.76 -0.94 -31.20
CA LEU A 130 -23.88 -2.07 -31.46
C LEU A 130 -24.41 -2.96 -32.58
N ARG A 131 -23.51 -3.47 -33.36
CA ARG A 131 -23.71 -4.59 -34.24
C ARG A 131 -23.09 -5.84 -33.62
N PRO A 132 -23.60 -7.02 -33.97
CA PRO A 132 -23.20 -8.23 -33.23
C PRO A 132 -21.71 -8.54 -33.28
N ASP A 133 -20.98 -8.13 -34.31
CA ASP A 133 -19.56 -8.45 -34.46
C ASP A 133 -18.65 -7.31 -34.02
N ASP A 134 -19.20 -6.21 -33.52
CA ASP A 134 -18.37 -5.09 -33.08
C ASP A 134 -17.37 -5.55 -32.02
N LEU A 135 -16.16 -5.04 -32.12
CA LEU A 135 -15.15 -5.20 -31.08
C LEU A 135 -15.15 -3.96 -30.19
N ILE A 136 -15.34 -4.14 -28.89
CA ILE A 136 -15.51 -3.03 -27.96
C ILE A 136 -14.27 -2.93 -27.09
N TRP A 137 -13.71 -1.72 -27.00
CA TRP A 137 -12.47 -1.45 -26.24
C TRP A 137 -12.73 -0.31 -25.26
N VAL A 138 -12.80 -0.65 -23.97
CA VAL A 138 -13.11 0.28 -22.88
C VAL A 138 -11.83 0.72 -22.19
N HIS A 139 -11.70 2.02 -21.91
CA HIS A 139 -10.47 2.58 -21.38
C HIS A 139 -10.63 3.13 -19.97
N ASP A 140 -9.87 2.54 -19.04
CA ASP A 140 -9.48 3.10 -17.76
C ASP A 140 -10.54 3.04 -16.65
N TYR A 141 -10.14 3.48 -15.47
CA TYR A 141 -10.80 3.09 -14.23
C TYR A 141 -12.19 3.71 -14.04
N HIS A 142 -12.48 4.85 -14.69
CA HIS A 142 -13.83 5.41 -14.56
C HIS A 142 -14.88 4.51 -15.18
N LEU A 143 -14.48 3.62 -16.08
CA LEU A 143 -15.40 2.79 -16.84
C LEU A 143 -15.20 1.31 -16.54
N LEU A 144 -14.54 1.00 -15.43
CA LEU A 144 -14.33 -0.41 -15.07
C LEU A 144 -15.60 -1.26 -15.11
N PRO A 145 -16.76 -0.85 -14.57
CA PRO A 145 -17.94 -1.71 -14.61
C PRO A 145 -18.65 -1.77 -15.96
N PHE A 146 -18.06 -1.19 -17.02
CA PHE A 146 -18.82 -0.98 -18.26
C PHE A 146 -19.19 -2.31 -18.93
N ALA A 147 -18.24 -3.24 -19.04
CA ALA A 147 -18.54 -4.54 -19.65
C ALA A 147 -19.62 -5.27 -18.88
N HIS A 148 -19.55 -5.25 -17.56
CA HIS A 148 -20.55 -5.97 -16.77
C HIS A 148 -21.94 -5.43 -17.06
N ALA A 149 -22.07 -4.10 -17.18
CA ALA A 149 -23.34 -3.50 -17.51
C ALA A 149 -23.80 -3.92 -18.91
N LEU A 150 -22.87 -3.98 -19.87
CA LEU A 150 -23.22 -4.45 -21.20
C LEU A 150 -23.67 -5.91 -21.17
N ARG A 151 -22.99 -6.76 -20.40
CA ARG A 151 -23.40 -8.15 -20.30
C ARG A 151 -24.82 -8.26 -19.77
N GLU A 152 -25.15 -7.46 -18.74
CA GLU A 152 -26.52 -7.44 -18.22
CA GLU A 152 -26.52 -7.43 -18.21
C GLU A 152 -27.54 -7.06 -19.28
N LEU A 153 -27.13 -6.35 -20.33
CA LEU A 153 -28.03 -6.00 -21.42
C LEU A 153 -28.06 -7.05 -22.53
N GLY A 154 -27.37 -8.17 -22.35
CA GLY A 154 -27.31 -9.21 -23.35
C GLY A 154 -26.24 -9.04 -24.41
N VAL A 155 -25.30 -8.12 -24.22
CA VAL A 155 -24.22 -7.91 -25.18
C VAL A 155 -23.23 -9.06 -25.10
N LYS A 156 -23.06 -9.78 -26.20
CA LYS A 156 -22.13 -10.90 -26.28
C LYS A 156 -20.86 -10.56 -27.05
N ASN A 157 -20.69 -9.31 -27.48
CA ASN A 157 -19.54 -8.92 -28.28
C ASN A 157 -18.24 -9.18 -27.52
N PRO A 158 -17.13 -9.34 -28.25
CA PRO A 158 -15.82 -9.25 -27.59
C PRO A 158 -15.67 -7.87 -26.97
N ILE A 159 -15.30 -7.84 -25.69
CA ILE A 159 -15.08 -6.58 -24.98
C ILE A 159 -13.73 -6.66 -24.31
N GLY A 160 -12.91 -5.64 -24.50
CA GLY A 160 -11.62 -5.54 -23.84
C GLY A 160 -11.56 -4.33 -22.93
N PHE A 161 -10.74 -4.44 -21.89
CA PHE A 161 -10.50 -3.35 -20.95
C PHE A 161 -9.02 -3.08 -20.93
N PHE A 162 -8.64 -1.80 -20.90
CA PHE A 162 -7.25 -1.45 -20.63
C PHE A 162 -7.19 -0.46 -19.48
N LEU A 163 -6.47 -0.84 -18.43
CA LEU A 163 -6.27 0.02 -17.26
C LEU A 163 -5.00 0.84 -17.46
N HIS A 164 -5.14 2.17 -17.48
CA HIS A 164 -3.99 3.03 -17.70
C HIS A 164 -3.21 3.33 -16.42
N ILE A 165 -3.81 3.14 -15.26
CA ILE A 165 -3.17 3.40 -13.97
C ILE A 165 -2.70 2.06 -13.40
N PRO A 166 -1.93 2.05 -12.31
CA PRO A 166 -1.49 0.76 -11.73
C PRO A 166 -2.66 -0.08 -11.27
N PHE A 167 -2.43 -1.39 -11.17
CA PHE A 167 -3.38 -2.24 -10.45
C PHE A 167 -2.69 -2.74 -9.19
N PRO A 168 -3.23 -2.40 -8.01
CA PRO A 168 -2.52 -2.72 -6.76
C PRO A 168 -2.60 -4.19 -6.42
N SER A 169 -1.59 -4.64 -5.66
CA SER A 169 -1.57 -5.99 -5.13
C SER A 169 -2.78 -6.23 -4.20
N PRO A 170 -3.17 -7.49 -3.98
CA PRO A 170 -4.45 -7.74 -3.28
C PRO A 170 -4.53 -7.11 -1.90
N ASP A 171 -3.43 -7.11 -1.13
CA ASP A 171 -3.45 -6.51 0.19
CA ASP A 171 -3.46 -6.50 0.20
C ASP A 171 -3.80 -5.03 0.13
N VAL A 172 -3.44 -4.35 -0.96
CA VAL A 172 -3.72 -2.93 -1.09
C VAL A 172 -5.07 -2.71 -1.76
N LEU A 173 -5.41 -3.57 -2.72
CA LEU A 173 -6.72 -3.49 -3.37
C LEU A 173 -7.86 -3.61 -2.37
N ARG A 174 -7.68 -4.42 -1.31
CA ARG A 174 -8.74 -4.63 -0.33
C ARG A 174 -9.07 -3.38 0.47
N LEU A 175 -8.27 -2.32 0.34
CA LEU A 175 -8.65 -1.04 0.94
C LEU A 175 -9.88 -0.44 0.25
N VAL A 176 -10.19 -0.86 -0.96
CA VAL A 176 -11.44 -0.50 -1.63
C VAL A 176 -12.51 -1.47 -1.14
N PRO A 177 -13.50 -1.03 -0.36
CA PRO A 177 -14.43 -2.00 0.26
C PRO A 177 -15.12 -2.91 -0.76
N PRO A 178 -15.56 -2.40 -1.95
CA PRO A 178 -16.17 -3.33 -2.93
C PRO A 178 -15.18 -4.02 -3.88
N HIS A 179 -13.98 -4.35 -3.37
CA HIS A 179 -12.94 -4.93 -4.22
C HIS A 179 -13.40 -6.22 -4.91
N ASP A 180 -14.12 -7.07 -4.18
CA ASP A 180 -14.58 -8.33 -4.81
C ASP A 180 -15.49 -8.05 -5.99
N GLU A 181 -16.41 -7.10 -5.85
CA GLU A 181 -17.32 -6.78 -6.94
C GLU A 181 -16.58 -6.13 -8.12
N LEU A 182 -15.59 -5.29 -7.82
CA LEU A 182 -14.80 -4.70 -8.90
C LEU A 182 -14.09 -5.76 -9.71
N VAL A 183 -13.52 -6.77 -9.03
CA VAL A 183 -12.82 -7.82 -9.75
C VAL A 183 -13.81 -8.66 -10.56
N LYS A 184 -15.01 -8.90 -10.02
CA LYS A 184 -16.05 -9.53 -10.83
C LYS A 184 -16.34 -8.72 -12.10
N PHE A 185 -16.45 -7.39 -11.98
CA PHE A 185 -16.63 -6.54 -13.15
C PHE A 185 -15.52 -6.74 -14.16
N MET A 186 -14.28 -6.82 -13.67
CA MET A 186 -13.13 -6.96 -14.56
C MET A 186 -13.17 -8.29 -15.28
N CYS A 187 -13.76 -9.31 -14.68
CA CYS A 187 -13.90 -10.59 -15.36
C CYS A 187 -15.05 -10.61 -16.37
N ALA A 188 -15.82 -9.53 -16.50
CA ALA A 188 -16.82 -9.47 -17.57
C ALA A 188 -16.20 -9.20 -18.93
N TYR A 189 -14.95 -8.70 -18.96
CA TYR A 189 -14.21 -8.49 -20.18
C TYR A 189 -13.63 -9.80 -20.71
N ASP A 190 -13.59 -9.94 -22.04
CA ASP A 190 -12.86 -11.05 -22.63
C ASP A 190 -11.36 -10.83 -22.58
N VAL A 191 -10.92 -9.58 -22.59
CA VAL A 191 -9.51 -9.21 -22.48
C VAL A 191 -9.40 -8.11 -21.43
N THR A 192 -8.54 -8.32 -20.44
CA THR A 192 -8.25 -7.33 -19.41
CA THR A 192 -8.25 -7.33 -19.42
C THR A 192 -6.76 -7.00 -19.49
N GLY A 193 -6.45 -5.80 -19.95
CA GLY A 193 -5.08 -5.40 -20.21
C GLY A 193 -4.58 -4.41 -19.18
N PHE A 194 -3.28 -4.50 -18.88
CA PHE A 194 -2.62 -3.69 -17.88
C PHE A 194 -1.36 -3.07 -18.47
N GLN A 195 -0.82 -2.08 -17.76
CA GLN A 195 0.41 -1.43 -18.23
C GLN A 195 1.61 -2.37 -18.13
N THR A 196 1.78 -3.05 -16.98
CA THR A 196 3.02 -3.79 -16.73
C THR A 196 2.72 -5.20 -16.28
N ASP A 197 3.75 -6.06 -16.35
CA ASP A 197 3.63 -7.42 -15.84
CA ASP A 197 3.61 -7.43 -15.84
C ASP A 197 3.22 -7.42 -14.37
N ALA A 198 3.73 -6.46 -13.60
CA ALA A 198 3.41 -6.40 -12.18
C ALA A 198 1.93 -6.15 -11.96
N ASP A 199 1.33 -5.25 -12.76
CA ASP A 199 -0.11 -5.02 -12.68
C ASP A 199 -0.88 -6.29 -13.03
N ARG A 200 -0.49 -6.95 -14.13
CA ARG A 200 -1.11 -8.20 -14.53
C ARG A 200 -1.01 -9.24 -13.41
N GLN A 201 0.16 -9.34 -12.78
CA GLN A 201 0.35 -10.33 -11.72
C GLN A 201 -0.47 -9.99 -10.48
N ALA A 202 -0.62 -8.70 -10.16
CA ALA A 202 -1.44 -8.32 -9.01
C ALA A 202 -2.88 -8.78 -9.19
N PHE A 203 -3.43 -8.60 -10.40
CA PHE A 203 -4.79 -9.05 -10.68
C PHE A 203 -4.86 -10.57 -10.61
N THR A 204 -3.90 -11.26 -11.22
CA THR A 204 -3.86 -12.72 -11.20
C THR A 204 -3.75 -13.23 -9.76
N ASP A 205 -2.90 -12.58 -8.96
CA ASP A 205 -2.78 -12.95 -7.55
C ASP A 205 -4.11 -12.89 -6.83
N TYR A 206 -4.88 -11.82 -7.06
CA TYR A 206 -6.18 -11.71 -6.42
C TYR A 206 -7.06 -12.90 -6.78
N ILE A 207 -7.13 -13.21 -8.08
CA ILE A 207 -8.01 -14.28 -8.55
C ILE A 207 -7.59 -15.62 -7.98
N GLU A 208 -6.29 -15.93 -8.07
CA GLU A 208 -5.81 -17.27 -7.69
C GLU A 208 -5.79 -17.44 -6.18
N ARG A 209 -5.19 -16.51 -5.47
CA ARG A 209 -4.96 -16.71 -4.03
C ARG A 209 -6.23 -16.56 -3.23
N ARG A 210 -7.24 -15.87 -3.75
CA ARG A 210 -8.52 -15.77 -3.04
C ARG A 210 -9.52 -16.81 -3.50
N GLY A 211 -9.10 -17.78 -4.31
CA GLY A 211 -9.97 -18.86 -4.70
C GLY A 211 -11.08 -18.47 -5.66
N ILE A 212 -10.90 -17.37 -6.39
CA ILE A 212 -11.92 -16.93 -7.33
C ILE A 212 -11.83 -17.68 -8.65
N GLY A 213 -10.62 -18.02 -9.08
CA GLY A 213 -10.46 -18.67 -10.35
C GLY A 213 -9.07 -19.24 -10.50
N THR A 214 -8.83 -19.79 -11.69
CA THR A 214 -7.62 -20.56 -11.95
C THR A 214 -7.05 -20.13 -13.29
N ALA A 215 -5.73 -20.25 -13.41
CA ALA A 215 -5.07 -20.08 -14.69
C ALA A 215 -4.98 -21.43 -15.38
N SER A 216 -5.35 -21.48 -16.66
CA SER A 216 -5.19 -22.70 -17.43
C SER A 216 -3.82 -22.69 -18.11
N GLU A 217 -3.52 -23.78 -18.83
CA GLU A 217 -2.19 -23.96 -19.42
C GLU A 217 -1.84 -22.82 -20.37
N ASP A 218 -2.83 -22.33 -21.13
CA ASP A 218 -2.60 -21.25 -22.09
C ASP A 218 -2.47 -19.89 -21.43
N GLY A 219 -2.56 -19.80 -20.10
CA GLY A 219 -2.45 -18.55 -19.39
C GLY A 219 -3.75 -17.80 -19.20
N MET A 220 -4.84 -18.26 -19.81
CA MET A 220 -6.14 -17.65 -19.61
C MET A 220 -6.57 -17.80 -18.15
N LEU A 221 -7.39 -16.86 -17.68
CA LEU A 221 -7.98 -16.93 -16.35
C LEU A 221 -9.41 -17.41 -16.47
N HIS A 222 -9.78 -18.39 -15.67
CA HIS A 222 -11.14 -18.90 -15.60
C HIS A 222 -11.75 -18.46 -14.28
N ALA A 223 -12.69 -17.51 -14.35
CA ALA A 223 -13.22 -16.90 -13.14
C ALA A 223 -14.57 -16.29 -13.44
N HIS A 224 -15.45 -16.34 -12.44
CA HIS A 224 -16.81 -15.80 -12.53
C HIS A 224 -17.52 -16.31 -13.79
N GLY A 225 -17.34 -17.60 -14.06
CA GLY A 225 -17.97 -18.26 -15.18
C GLY A 225 -17.50 -17.80 -16.55
N ARG A 226 -16.38 -17.10 -16.63
CA ARG A 226 -15.90 -16.58 -17.91
C ARG A 226 -14.43 -16.96 -18.08
N VAL A 227 -13.96 -16.87 -19.32
CA VAL A 227 -12.56 -17.07 -19.66
C VAL A 227 -12.00 -15.71 -20.04
N VAL A 228 -10.95 -15.28 -19.34
CA VAL A 228 -10.43 -13.94 -19.46
C VAL A 228 -8.97 -14.03 -19.90
N LYS A 229 -8.64 -13.33 -20.98
CA LYS A 229 -7.26 -13.14 -21.38
C LYS A 229 -6.69 -11.96 -20.59
N VAL A 230 -5.64 -12.21 -19.81
CA VAL A 230 -5.04 -11.20 -18.93
C VAL A 230 -3.60 -10.97 -19.41
N ALA A 231 -3.27 -9.72 -19.70
CA ALA A 231 -1.97 -9.46 -20.32
C ALA A 231 -1.56 -8.02 -20.06
N ALA A 232 -0.26 -7.76 -20.26
CA ALA A 232 0.32 -6.42 -20.15
C ALA A 232 0.56 -5.87 -21.55
N TYR A 233 0.17 -4.62 -21.76
CA TYR A 233 0.35 -3.90 -23.03
C TYR A 233 0.90 -2.52 -22.69
N PRO A 234 2.19 -2.42 -22.35
CA PRO A 234 2.75 -1.11 -21.96
C PRO A 234 2.62 -0.08 -23.08
N ILE A 235 2.07 1.08 -22.75
CA ILE A 235 1.82 2.13 -23.74
C ILE A 235 3.13 2.85 -24.05
N GLY A 236 3.46 2.97 -25.34
CA GLY A 236 4.65 3.66 -25.77
C GLY A 236 4.34 4.96 -26.48
N VAL A 237 5.33 5.45 -27.23
CA VAL A 237 5.22 6.70 -27.96
C VAL A 237 5.72 6.46 -29.38
N TYR A 238 5.81 7.51 -30.19
CA TYR A 238 6.48 7.42 -31.49
C TYR A 238 7.78 8.20 -31.38
N PRO A 239 8.88 7.56 -31.01
CA PRO A 239 10.07 8.33 -30.62
C PRO A 239 10.69 9.12 -31.76
N ASP A 240 10.68 8.58 -32.99
CA ASP A 240 11.25 9.34 -34.10
C ASP A 240 10.41 10.58 -34.40
N ALA A 241 9.09 10.48 -34.26
CA ALA A 241 8.23 11.64 -34.48
C ALA A 241 8.45 12.71 -33.42
N ILE A 242 8.65 12.29 -32.16
CA ILE A 242 8.94 13.25 -31.10
C ILE A 242 10.25 13.97 -31.36
N ALA A 243 11.28 13.22 -31.77
CA ALA A 243 12.59 13.85 -31.99
C ALA A 243 12.51 14.87 -33.12
N GLN A 244 11.79 14.53 -34.19
CA GLN A 244 11.63 15.46 -35.30
CA GLN A 244 11.65 15.47 -35.30
C GLN A 244 10.89 16.71 -34.87
N ALA A 245 9.84 16.54 -34.05
CA ALA A 245 9.08 17.69 -33.56
C ALA A 245 9.95 18.57 -32.68
N ALA A 246 10.74 17.97 -31.79
CA ALA A 246 11.61 18.75 -30.92
C ALA A 246 12.54 19.63 -31.75
N VAL A 247 13.17 19.04 -32.78
CA VAL A 247 14.08 19.80 -33.64
C VAL A 247 13.32 20.88 -34.39
N GLN A 248 12.12 20.55 -34.87
CA GLN A 248 11.33 21.50 -35.64
CA GLN A 248 11.36 21.52 -35.66
C GLN A 248 10.96 22.73 -34.84
N TYR A 249 10.81 22.58 -33.53
CA TYR A 249 10.50 23.66 -32.61
C TYR A 249 11.73 24.28 -31.97
N GLY A 250 12.93 23.91 -32.42
CA GLY A 250 14.14 24.37 -31.76
C GLY A 250 14.41 25.85 -31.90
N ALA A 251 13.77 26.52 -32.85
CA ALA A 251 14.00 27.94 -33.09
C ALA A 251 12.87 28.82 -32.57
N ARG A 252 11.84 28.23 -31.95
CA ARG A 252 10.70 29.02 -31.47
C ARG A 252 11.15 29.99 -30.38
N LYS A 253 10.50 31.15 -30.34
CA LYS A 253 10.87 32.20 -29.38
C LYS A 253 10.99 31.71 -27.94
N PRO A 254 10.04 30.94 -27.38
CA PRO A 254 10.18 30.51 -25.98
C PRO A 254 11.41 29.65 -25.74
N VAL A 255 11.80 28.83 -26.72
CA VAL A 255 13.04 28.04 -26.60
C VAL A 255 14.25 28.97 -26.53
N LYS A 256 14.32 29.93 -27.44
CA LYS A 256 15.37 30.95 -27.40
C LYS A 256 15.30 31.73 -26.08
N MET A 257 14.08 32.05 -25.61
CA MET A 257 13.93 32.77 -24.34
CA MET A 257 13.96 32.79 -24.35
C MET A 257 14.53 31.99 -23.19
N LEU A 258 14.13 30.73 -23.06
CA LEU A 258 14.63 29.88 -21.98
C LEU A 258 16.13 29.72 -22.05
N ARG A 259 16.68 29.50 -23.25
CA ARG A 259 18.12 29.34 -23.39
CA ARG A 259 18.12 29.34 -23.39
C ARG A 259 18.86 30.59 -22.91
N ASP A 260 18.38 31.76 -23.31
CA ASP A 260 18.99 33.01 -22.86
C ASP A 260 18.86 33.16 -21.35
N ALA A 261 17.69 32.82 -20.80
CA ALA A 261 17.47 32.97 -19.37
C ALA A 261 18.40 32.07 -18.56
N LEU A 262 18.78 30.92 -19.12
CA LEU A 262 19.66 30.00 -18.42
C LEU A 262 21.11 30.48 -18.41
N GLY A 263 21.52 31.22 -19.43
CA GLY A 263 22.86 31.80 -19.41
C GLY A 263 23.98 30.79 -19.31
N GLY A 264 23.85 29.66 -20.00
CA GLY A 264 24.84 28.62 -19.97
C GLY A 264 24.68 27.62 -18.84
N ARG A 265 23.77 27.85 -17.91
CA ARG A 265 23.55 26.89 -16.84
C ARG A 265 22.96 25.60 -17.40
N LYS A 266 23.24 24.49 -16.71
CA LYS A 266 22.56 23.24 -16.99
C LYS A 266 21.09 23.33 -16.61
N LEU A 267 20.27 22.50 -17.25
CA LEU A 267 18.83 22.55 -17.12
C LEU A 267 18.31 21.17 -16.74
N VAL A 268 17.59 21.09 -15.63
CA VAL A 268 16.83 19.90 -15.24
C VAL A 268 15.36 20.18 -15.52
N MET A 269 14.72 19.31 -16.31
CA MET A 269 13.32 19.48 -16.69
C MET A 269 12.47 18.48 -15.93
N SER A 270 11.28 18.94 -15.53
CA SER A 270 10.31 18.13 -14.78
C SER A 270 8.93 18.65 -15.18
N VAL A 271 8.02 17.73 -15.55
CA VAL A 271 6.70 18.11 -16.04
C VAL A 271 5.69 17.15 -15.42
N ASP A 272 4.80 17.68 -14.59
CA ASP A 272 3.84 16.85 -13.86
C ASP A 272 2.54 17.59 -13.64
N ARG A 273 1.41 16.91 -13.83
CA ARG A 273 0.18 17.41 -13.26
C ARG A 273 0.25 17.32 -11.74
N LEU A 274 -0.52 18.15 -11.06
CA LEU A 274 -0.48 18.19 -9.60
C LEU A 274 -1.44 17.13 -9.06
N ASP A 275 -0.89 16.01 -8.59
CA ASP A 275 -1.69 15.09 -7.78
C ASP A 275 -0.76 14.41 -6.79
N TYR A 276 -1.35 13.69 -5.84
CA TYR A 276 -0.57 13.17 -4.73
C TYR A 276 0.28 11.97 -5.09
N SER A 277 0.19 11.45 -6.31
CA SER A 277 1.10 10.38 -6.71
C SER A 277 2.44 10.91 -7.20
N LYS A 278 2.60 12.21 -7.37
CA LYS A 278 3.77 12.73 -8.07
C LYS A 278 4.97 12.97 -7.16
N GLY A 279 4.76 13.11 -5.85
CA GLY A 279 5.88 13.35 -4.96
C GLY A 279 6.64 14.62 -5.28
N LEU A 280 5.92 15.71 -5.56
CA LEU A 280 6.61 16.91 -6.04
C LEU A 280 7.34 17.62 -4.90
N VAL A 281 6.88 17.49 -3.66
CA VAL A 281 7.67 18.02 -2.56
C VAL A 281 9.02 17.32 -2.50
N GLU A 282 9.00 15.98 -2.58
CA GLU A 282 10.23 15.21 -2.58
C GLU A 282 11.10 15.61 -3.76
N ARG A 283 10.48 15.82 -4.92
CA ARG A 283 11.21 16.25 -6.11
C ARG A 283 12.02 17.51 -5.83
N PHE A 284 11.37 18.53 -5.27
CA PHE A 284 12.05 19.78 -4.98
C PHE A 284 13.10 19.59 -3.90
N GLN A 285 12.77 18.84 -2.85
CA GLN A 285 13.68 18.73 -1.72
C GLN A 285 14.95 17.98 -2.09
N ALA A 286 14.86 17.02 -3.00
CA ALA A 286 16.07 16.33 -3.42
C ALA A 286 16.97 17.24 -4.24
N PHE A 287 16.39 18.14 -5.04
CA PHE A 287 17.20 19.13 -5.74
C PHE A 287 17.88 20.07 -4.74
N GLU A 288 17.14 20.50 -3.72
CA GLU A 288 17.72 21.29 -2.64
C GLU A 288 18.89 20.56 -1.99
N ARG A 289 18.70 19.28 -1.68
CA ARG A 289 19.73 18.50 -1.03
C ARG A 289 20.95 18.38 -1.92
N MET A 290 20.76 18.21 -3.23
CA MET A 290 21.91 18.15 -4.12
CA MET A 290 21.91 18.17 -4.14
C MET A 290 22.70 19.46 -4.08
N LEU A 291 22.00 20.60 -4.10
CA LEU A 291 22.69 21.89 -4.08
C LEU A 291 23.43 22.10 -2.77
N ALA A 292 22.90 21.57 -1.66
CA ALA A 292 23.60 21.66 -0.38
C ALA A 292 24.80 20.73 -0.36
N ASN A 293 24.67 19.53 -0.92
CA ASN A 293 25.74 18.53 -0.87
C ASN A 293 26.86 18.85 -1.84
N ALA A 294 26.54 19.46 -2.97
CA ALA A 294 27.51 19.75 -4.04
C ALA A 294 27.38 21.23 -4.35
N PRO A 295 27.91 22.09 -3.49
CA PRO A 295 27.65 23.53 -3.65
C PRO A 295 28.26 24.11 -4.90
N GLY A 296 29.19 23.42 -5.55
CA GLY A 296 29.69 23.86 -6.84
C GLY A 296 28.61 23.94 -7.89
N TRP A 297 27.49 23.24 -7.70
CA TRP A 297 26.39 23.32 -8.64
C TRP A 297 25.54 24.57 -8.44
N GLN A 298 25.70 25.27 -7.33
CA GLN A 298 24.92 26.49 -7.11
C GLN A 298 25.28 27.55 -8.14
N GLY A 299 24.25 28.08 -8.80
CA GLY A 299 24.44 29.02 -9.88
C GLY A 299 24.82 28.40 -11.22
N ARG A 300 24.90 27.07 -11.29
CA ARG A 300 25.33 26.40 -12.50
C ARG A 300 24.28 25.44 -13.04
N VAL A 301 23.14 25.31 -12.39
CA VAL A 301 22.05 24.45 -12.83
C VAL A 301 20.76 25.06 -12.31
N SER A 302 19.68 24.87 -13.07
CA SER A 302 18.35 25.27 -12.64
C SER A 302 17.36 24.15 -12.89
N LEU A 303 16.39 24.05 -12.00
CA LEU A 303 15.29 23.11 -12.17
C LEU A 303 14.08 23.88 -12.69
N VAL A 304 13.53 23.43 -13.81
CA VAL A 304 12.27 23.96 -14.33
C VAL A 304 11.20 22.89 -14.09
N GLN A 305 10.24 23.22 -13.23
CA GLN A 305 9.08 22.36 -12.98
C GLN A 305 7.86 22.98 -13.64
N ILE A 306 7.31 22.29 -14.63
CA ILE A 306 6.10 22.71 -15.29
C ILE A 306 4.96 21.85 -14.76
N ALA A 307 3.86 22.50 -14.40
CA ALA A 307 2.68 21.80 -13.89
C ALA A 307 1.48 22.34 -14.65
N PRO A 308 1.04 21.66 -15.70
CA PRO A 308 -0.15 22.08 -16.42
C PRO A 308 -1.34 22.15 -15.48
N PRO A 309 -2.00 23.29 -15.39
CA PRO A 309 -3.10 23.43 -14.42
C PRO A 309 -4.21 22.42 -14.69
N THR A 310 -4.74 21.85 -13.60
CA THR A 310 -5.91 20.97 -13.63
C THR A 310 -6.83 21.40 -12.49
N ARG A 311 -7.44 22.58 -12.63
CA ARG A 311 -8.28 23.14 -11.58
C ARG A 311 -9.36 22.14 -11.15
N SER A 312 -9.71 21.18 -12.01
CA SER A 312 -10.64 20.13 -11.64
C SER A 312 -10.07 19.28 -10.51
N ASP A 313 -10.92 18.97 -9.52
CA ASP A 313 -10.53 18.59 -8.17
C ASP A 313 -9.82 19.78 -7.52
N VAL A 314 -10.60 20.83 -7.25
CA VAL A 314 -10.06 22.11 -6.85
C VAL A 314 -9.32 22.00 -5.53
N GLN A 315 -9.90 21.30 -4.56
CA GLN A 315 -9.29 21.22 -3.23
C GLN A 315 -7.90 20.60 -3.31
N THR A 316 -7.77 19.47 -3.98
CA THR A 316 -6.47 18.80 -4.08
C THR A 316 -5.48 19.64 -4.88
N TYR A 317 -5.93 20.23 -5.98
CA TYR A 317 -5.02 21.03 -6.80
C TYR A 317 -4.48 22.22 -6.03
N GLN A 318 -5.38 22.98 -5.37
CA GLN A 318 -4.95 24.16 -4.64
C GLN A 318 -4.07 23.79 -3.45
N ARG A 319 -4.38 22.69 -2.77
CA ARG A 319 -3.57 22.28 -1.62
C ARG A 319 -2.16 21.93 -2.06
N ILE A 320 -2.04 21.14 -3.15
CA ILE A 320 -0.72 20.76 -3.63
C ILE A 320 0.03 21.96 -4.15
N ARG A 321 -0.67 22.84 -4.88
CA ARG A 321 -0.02 24.03 -5.40
C ARG A 321 0.51 24.92 -4.27
N GLU A 322 -0.28 25.10 -3.22
CA GLU A 322 0.18 25.91 -2.10
C GLU A 322 1.41 25.30 -1.44
N THR A 323 1.41 23.98 -1.26
CA THR A 323 2.56 23.30 -0.67
C THR A 323 3.80 23.50 -1.52
N LEU A 324 3.67 23.35 -2.84
CA LEU A 324 4.83 23.46 -3.73
C LEU A 324 5.32 24.90 -3.83
N GLU A 325 4.41 25.87 -3.84
CA GLU A 325 4.85 27.26 -3.83
C GLU A 325 5.65 27.57 -2.57
N GLY A 326 5.24 27.01 -1.43
CA GLY A 326 6.00 27.21 -0.21
C GLY A 326 7.38 26.57 -0.27
N GLU A 327 7.46 25.35 -0.84
CA GLU A 327 8.74 24.67 -0.97
C GLU A 327 9.66 25.41 -1.94
N ALA A 328 9.14 25.80 -3.11
CA ALA A 328 9.95 26.59 -4.03
C ALA A 328 10.38 27.90 -3.38
N GLY A 329 9.47 28.56 -2.67
CA GLY A 329 9.84 29.79 -1.99
C GLY A 329 10.94 29.59 -0.98
N ARG A 330 10.89 28.49 -0.23
CA ARG A 330 11.93 28.23 0.77
C ARG A 330 13.26 27.92 0.08
N ILE A 331 13.24 27.07 -0.94
CA ILE A 331 14.49 26.65 -1.58
C ILE A 331 15.12 27.80 -2.35
N ASN A 332 14.30 28.58 -3.06
CA ASN A 332 14.85 29.78 -3.71
C ASN A 332 15.34 30.79 -2.68
N GLY A 333 14.64 30.93 -1.56
CA GLY A 333 15.15 31.82 -0.52
C GLY A 333 16.50 31.37 0.00
N ARG A 334 16.71 30.06 0.06
CA ARG A 334 17.97 29.53 0.59
C ARG A 334 19.13 29.76 -0.36
N PHE A 335 18.93 29.52 -1.66
CA PHE A 335 20.04 29.41 -2.60
C PHE A 335 20.09 30.51 -3.65
N SER A 336 19.03 31.32 -3.83
CA SER A 336 19.03 32.21 -4.99
C SER A 336 20.10 33.28 -4.88
N GLN A 337 20.54 33.76 -6.05
CA GLN A 337 21.47 34.87 -6.15
C GLN A 337 20.89 35.89 -7.12
N LEU A 338 21.59 37.01 -7.24
CA LEU A 338 21.15 38.15 -8.04
C LEU A 338 20.67 37.73 -9.43
N ASP A 339 21.35 36.76 -10.05
CA ASP A 339 20.95 36.36 -11.39
C ASP A 339 20.64 34.87 -11.47
N TRP A 340 20.16 34.28 -10.39
CA TRP A 340 19.87 32.85 -10.41
C TRP A 340 18.65 32.54 -9.56
N THR A 341 17.60 32.00 -10.22
CA THR A 341 16.46 31.39 -9.55
C THR A 341 16.65 29.88 -9.58
N PRO A 342 16.96 29.22 -8.45
CA PRO A 342 17.21 27.76 -8.50
C PRO A 342 16.06 26.93 -9.04
N ILE A 343 14.83 27.21 -8.63
CA ILE A 343 13.66 26.44 -9.06
C ILE A 343 12.69 27.40 -9.75
N GLN A 344 12.51 27.22 -11.04
CA GLN A 344 11.44 27.89 -11.77
C GLN A 344 10.22 26.98 -11.76
N TYR A 345 9.16 27.42 -11.10
CA TYR A 345 7.97 26.60 -10.91
C TYR A 345 6.83 27.29 -11.65
N LEU A 346 6.38 26.67 -12.74
CA LEU A 346 5.51 27.30 -13.73
C LEU A 346 4.19 26.53 -13.78
N ASN A 347 3.12 27.18 -13.29
CA ASN A 347 1.78 26.61 -13.30
C ASN A 347 1.10 27.00 -14.62
N ARG A 348 1.63 26.44 -15.71
CA ARG A 348 1.35 26.91 -17.06
C ARG A 348 1.24 25.72 -18.01
N LYS A 349 0.44 25.91 -19.04
CA LYS A 349 0.29 24.96 -20.14
CA LYS A 349 0.29 24.96 -20.14
C LYS A 349 1.14 25.42 -21.31
N TYR A 350 2.00 24.52 -21.81
CA TYR A 350 2.81 24.80 -23.01
C TYR A 350 2.45 23.83 -24.11
N GLU A 351 2.51 24.30 -25.37
CA GLU A 351 2.39 23.44 -26.53
C GLU A 351 3.27 22.20 -26.38
N ARG A 352 2.74 21.06 -26.80
CA ARG A 352 3.46 19.79 -26.63
C ARG A 352 4.82 19.84 -27.31
N ASN A 353 4.88 20.35 -28.53
CA ASN A 353 6.15 20.32 -29.26
C ASN A 353 7.17 21.27 -28.64
N LEU A 354 6.70 22.34 -27.99
CA LEU A 354 7.60 23.20 -27.23
CA LEU A 354 7.61 23.20 -27.22
C LEU A 354 8.23 22.43 -26.06
N LEU A 355 7.42 21.65 -25.33
CA LEU A 355 7.96 20.84 -24.24
C LEU A 355 9.05 19.91 -24.76
N MET A 356 8.83 19.32 -25.93
CA MET A 356 9.85 18.43 -26.48
C MET A 356 11.14 19.20 -26.76
N ALA A 357 11.02 20.41 -27.29
CA ALA A 357 12.21 21.24 -27.50
C ALA A 357 12.88 21.60 -26.17
N PHE A 358 12.09 21.84 -25.12
CA PHE A 358 12.69 22.06 -23.80
C PHE A 358 13.41 20.80 -23.33
N PHE A 359 12.78 19.63 -23.52
CA PHE A 359 13.46 18.38 -23.15
C PHE A 359 14.77 18.25 -23.90
N ARG A 360 14.76 18.55 -25.20
CA ARG A 360 15.99 18.34 -25.97
C ARG A 360 17.11 19.26 -25.47
N MET A 361 16.77 20.50 -25.10
CA MET A 361 17.74 21.47 -24.59
CA MET A 361 17.85 21.38 -24.66
C MET A 361 18.34 21.03 -23.27
N SER A 362 17.54 20.35 -22.45
CA SER A 362 17.94 20.05 -21.09
C SER A 362 19.00 18.95 -21.03
N GLN A 363 19.66 18.86 -19.87
CA GLN A 363 20.64 17.82 -19.62
C GLN A 363 20.10 16.68 -18.76
N VAL A 364 19.03 16.91 -17.99
CA VAL A 364 18.47 15.91 -17.09
C VAL A 364 16.95 15.99 -17.22
N GLY A 365 16.32 14.82 -17.34
CA GLY A 365 14.88 14.70 -17.19
C GLY A 365 14.63 14.07 -15.83
N TYR A 366 13.83 14.75 -15.03
CA TYR A 366 13.68 14.43 -13.61
C TYR A 366 12.25 13.96 -13.41
N VAL A 367 12.05 12.63 -13.46
CA VAL A 367 10.72 12.04 -13.55
C VAL A 367 10.56 10.99 -12.45
N THR A 368 10.25 11.40 -11.24
CA THR A 368 10.30 10.49 -10.09
C THR A 368 9.00 10.49 -9.30
N PRO A 369 7.87 10.16 -9.94
CA PRO A 369 6.61 10.06 -9.20
C PRO A 369 6.67 8.95 -8.16
N LEU A 370 5.87 9.11 -7.10
CA LEU A 370 5.79 8.06 -6.08
C LEU A 370 5.16 6.80 -6.63
N ARG A 371 4.27 6.93 -7.62
CA ARG A 371 3.59 5.80 -8.23
CA ARG A 371 3.56 5.80 -8.22
C ARG A 371 2.97 6.28 -9.53
N ASP A 372 3.15 5.50 -10.60
CA ASP A 372 2.64 5.90 -11.92
C ASP A 372 2.43 4.65 -12.76
N GLY A 373 1.26 4.53 -13.38
CA GLY A 373 1.00 3.36 -14.21
C GLY A 373 2.04 3.18 -15.31
N MET A 374 2.56 4.28 -15.85
CA MET A 374 3.54 4.18 -16.93
C MET A 374 4.47 5.38 -16.86
N ASN A 375 3.94 6.57 -17.16
CA ASN A 375 4.59 7.87 -17.25
C ASN A 375 5.15 8.08 -18.65
N LEU A 376 4.37 8.76 -19.49
CA LEU A 376 4.81 9.03 -20.85
C LEU A 376 5.80 10.19 -20.93
N VAL A 377 5.83 11.08 -19.94
CA VAL A 377 6.85 12.12 -19.94
C VAL A 377 8.25 11.50 -19.94
N ALA A 378 8.44 10.41 -19.18
CA ALA A 378 9.76 9.75 -19.20
C ALA A 378 10.14 9.30 -20.61
N LYS A 379 9.18 8.72 -21.34
CA LYS A 379 9.48 8.24 -22.69
C LYS A 379 9.67 9.41 -23.66
N GLU A 380 8.82 10.44 -23.53
CA GLU A 380 8.96 11.64 -24.34
C GLU A 380 10.30 12.33 -24.09
N TYR A 381 10.76 12.33 -22.84
CA TYR A 381 12.04 12.94 -22.53
C TYR A 381 13.17 12.26 -23.31
N VAL A 382 13.24 10.94 -23.25
CA VAL A 382 14.28 10.21 -23.98
C VAL A 382 14.15 10.47 -25.47
N ALA A 383 12.92 10.34 -26.00
CA ALA A 383 12.74 10.47 -27.44
C ALA A 383 13.16 11.85 -27.95
N SER A 384 13.12 12.87 -27.10
CA SER A 384 13.45 14.22 -27.53
C SER A 384 14.96 14.47 -27.66
N GLN A 385 15.80 13.59 -27.12
CA GLN A 385 17.21 13.94 -26.97
C GLN A 385 17.96 13.88 -28.29
N ASP A 386 18.98 14.75 -28.40
CA ASP A 386 19.92 14.68 -29.49
C ASP A 386 20.89 13.54 -29.18
N PRO A 387 20.96 12.49 -29.99
CA PRO A 387 21.87 11.38 -29.65
C PRO A 387 23.33 11.79 -29.64
N ALA A 388 23.70 12.93 -30.24
CA ALA A 388 25.09 13.37 -30.19
C ALA A 388 25.46 13.94 -28.83
N ASP A 389 24.49 14.33 -28.02
CA ASP A 389 24.72 14.91 -26.70
C ASP A 389 23.45 14.72 -25.87
N PRO A 390 23.12 13.49 -25.50
CA PRO A 390 21.78 13.25 -24.95
C PRO A 390 21.69 13.43 -23.43
N GLY A 391 20.54 13.90 -22.99
CA GLY A 391 20.28 14.06 -21.57
C GLY A 391 20.13 12.73 -20.85
N VAL A 392 20.14 12.81 -19.51
CA VAL A 392 20.06 11.65 -18.63
C VAL A 392 18.68 11.65 -17.97
N LEU A 393 18.01 10.50 -17.98
CA LEU A 393 16.72 10.36 -17.34
C LEU A 393 16.92 9.82 -15.93
N VAL A 394 16.41 10.55 -14.94
CA VAL A 394 16.34 10.08 -13.56
C VAL A 394 14.89 9.68 -13.33
N LEU A 395 14.67 8.40 -13.00
CA LEU A 395 13.33 7.81 -13.11
C LEU A 395 12.99 7.04 -11.84
N SER A 396 11.77 7.24 -11.33
CA SER A 396 11.29 6.49 -10.18
C SER A 396 11.08 5.02 -10.51
N GLU A 397 11.54 4.15 -9.62
CA GLU A 397 11.32 2.71 -9.78
C GLU A 397 9.85 2.33 -9.66
N PHE A 398 8.99 3.24 -9.21
CA PHE A 398 7.55 2.96 -9.08
C PHE A 398 6.76 3.50 -10.26
N ALA A 399 7.43 3.99 -11.31
CA ALA A 399 6.77 4.30 -12.56
C ALA A 399 6.80 3.07 -13.46
N GLY A 400 5.67 2.80 -14.11
CA GLY A 400 5.61 1.64 -14.99
C GLY A 400 6.70 1.63 -16.04
N ALA A 401 7.12 2.81 -16.50
CA ALA A 401 8.14 2.89 -17.55
C ALA A 401 9.50 2.38 -17.09
N ALA A 402 9.73 2.28 -15.78
CA ALA A 402 10.99 1.78 -15.27
C ALA A 402 11.26 0.34 -15.69
N ALA A 403 10.22 -0.43 -15.99
CA ALA A 403 10.43 -1.80 -16.45
C ALA A 403 11.06 -1.85 -17.83
N GLU A 404 10.97 -0.76 -18.58
CA GLU A 404 11.49 -0.69 -19.95
CA GLU A 404 11.49 -0.68 -19.95
C GLU A 404 12.73 0.18 -20.07
N LEU A 405 12.74 1.33 -19.40
CA LEU A 405 13.82 2.31 -19.56
C LEU A 405 14.98 1.97 -18.64
N THR A 406 15.63 0.84 -18.97
CA THR A 406 16.70 0.32 -18.14
C THR A 406 17.95 1.19 -18.16
N GLY A 407 18.04 2.13 -19.10
CA GLY A 407 19.16 3.07 -19.12
C GLY A 407 18.96 4.29 -18.26
N ALA A 408 17.77 4.47 -17.68
CA ALA A 408 17.58 5.54 -16.71
C ALA A 408 18.40 5.28 -15.46
N LEU A 409 18.73 6.36 -14.76
CA LEU A 409 19.16 6.26 -13.37
C LEU A 409 17.90 6.06 -12.56
N LEU A 410 17.68 4.83 -12.10
CA LEU A 410 16.47 4.48 -11.36
C LEU A 410 16.65 4.83 -9.89
N VAL A 411 15.63 5.46 -9.29
CA VAL A 411 15.73 5.88 -7.90
C VAL A 411 14.44 5.56 -7.16
N ASN A 412 14.57 5.47 -5.84
CA ASN A 412 13.43 5.36 -4.96
C ASN A 412 13.12 6.77 -4.46
N PRO A 413 11.99 7.37 -4.84
CA PRO A 413 11.74 8.77 -4.46
C PRO A 413 11.50 8.99 -2.98
N TYR A 414 11.31 7.92 -2.20
CA TYR A 414 11.26 8.03 -0.75
C TYR A 414 12.64 8.15 -0.13
N ASP A 415 13.69 8.11 -0.94
CA ASP A 415 15.07 8.24 -0.48
C ASP A 415 15.60 9.53 -1.10
N LEU A 416 15.40 10.65 -0.41
CA LEU A 416 15.79 11.95 -0.97
C LEU A 416 17.28 12.00 -1.27
N SER A 417 18.10 11.40 -0.42
CA SER A 417 19.54 11.44 -0.66
C SER A 417 19.90 10.64 -1.90
N GLN A 418 19.25 9.50 -2.14
CA GLN A 418 19.52 8.79 -3.38
C GLN A 418 19.13 9.64 -4.59
N MET A 419 17.99 10.32 -4.50
CA MET A 419 17.58 11.19 -5.61
C MET A 419 18.57 12.32 -5.82
N ALA A 420 19.02 12.95 -4.74
CA ALA A 420 20.02 14.01 -4.87
C ALA A 420 21.30 13.48 -5.51
N ASP A 421 21.77 12.30 -5.07
CA ASP A 421 22.98 11.72 -5.65
C ASP A 421 22.78 11.43 -7.13
N ALA A 422 21.58 10.97 -7.52
CA ALA A 422 21.33 10.66 -8.92
C ALA A 422 21.31 11.93 -9.77
N LEU A 423 20.74 13.02 -9.25
CA LEU A 423 20.81 14.29 -9.96
C LEU A 423 22.26 14.72 -10.18
N GLU A 424 23.09 14.65 -9.12
CA GLU A 424 24.48 15.04 -9.27
C GLU A 424 25.20 14.16 -10.28
N ARG A 425 24.95 12.85 -10.22
CA ARG A 425 25.57 11.93 -11.16
C ARG A 425 25.11 12.22 -12.59
N ALA A 426 23.81 12.47 -12.76
CA ALA A 426 23.27 12.79 -14.08
C ALA A 426 23.91 14.05 -14.66
N LEU A 427 24.07 15.09 -13.84
CA LEU A 427 24.58 16.35 -14.36
C LEU A 427 26.04 16.25 -14.79
N SER A 428 26.82 15.36 -14.19
CA SER A 428 28.23 15.23 -14.51
CA SER A 428 28.23 15.27 -14.56
C SER A 428 28.55 14.01 -15.36
N MET A 429 27.53 13.27 -15.82
CA MET A 429 27.78 11.99 -16.47
C MET A 429 28.57 12.18 -17.77
N PRO A 430 29.67 11.43 -17.96
CA PRO A 430 30.42 11.54 -19.22
C PRO A 430 29.55 11.19 -20.42
N LEU A 431 29.88 11.82 -21.54
CA LEU A 431 29.13 11.64 -22.78
C LEU A 431 28.99 10.17 -23.17
N ALA A 432 30.09 9.41 -23.06
CA ALA A 432 30.03 8.02 -23.52
C ALA A 432 28.97 7.23 -22.76
N GLU A 433 28.91 7.40 -21.44
CA GLU A 433 27.88 6.72 -20.66
C GLU A 433 26.49 7.28 -20.97
N ARG A 434 26.37 8.61 -21.12
CA ARG A 434 25.08 9.17 -21.45
C ARG A 434 24.56 8.59 -22.76
N GLN A 435 25.45 8.39 -23.74
CA GLN A 435 25.02 7.83 -25.01
C GLN A 435 24.67 6.36 -24.90
N ALA A 436 25.44 5.60 -24.11
CA ALA A 436 25.12 4.19 -23.93
C ALA A 436 23.74 4.05 -23.31
N ARG A 437 23.45 4.82 -22.26
CA ARG A 437 22.14 4.75 -21.61
C ARG A 437 21.04 5.23 -22.55
N HIS A 438 21.29 6.32 -23.26
CA HIS A 438 20.29 6.85 -24.18
C HIS A 438 19.94 5.83 -25.25
N GLU A 439 20.96 5.21 -25.87
CA GLU A 439 20.66 4.28 -26.96
C GLU A 439 20.00 3.02 -26.42
N GLU A 440 20.36 2.61 -25.20
CA GLU A 440 19.65 1.51 -24.56
C GLU A 440 18.16 1.81 -24.41
N ASN A 441 17.83 3.00 -23.90
CA ASN A 441 16.43 3.38 -23.74
C ASN A 441 15.74 3.58 -25.09
N LEU A 442 16.42 4.23 -26.03
CA LEU A 442 15.80 4.52 -27.32
C LEU A 442 15.48 3.24 -28.08
N ALA A 443 16.34 2.22 -27.97
CA ALA A 443 16.06 0.95 -28.62
C ALA A 443 14.80 0.31 -28.04
N ARG A 444 14.60 0.42 -26.72
CA ARG A 444 13.39 -0.10 -26.12
C ARG A 444 12.16 0.69 -26.59
N LEU A 445 12.28 2.03 -26.69
CA LEU A 445 11.15 2.81 -27.17
C LEU A 445 10.78 2.43 -28.59
N ARG A 446 11.79 2.16 -29.42
CA ARG A 446 11.51 1.84 -30.82
C ARG A 446 10.92 0.46 -30.98
N ALA A 447 11.21 -0.47 -30.07
CA ALA A 447 10.71 -1.82 -30.14
C ALA A 447 9.33 -1.97 -29.52
N ASN A 448 8.88 -0.97 -28.77
CA ASN A 448 7.53 -0.95 -28.21
C ASN A 448 6.94 0.44 -28.44
N ASP A 449 6.84 0.84 -29.71
CA ASP A 449 6.23 2.14 -29.97
C ASP A 449 4.72 2.02 -29.86
N LEU A 450 4.04 3.17 -29.95
CA LEU A 450 2.62 3.23 -29.64
C LEU A 450 1.80 2.26 -30.50
N SER A 451 2.28 1.94 -31.71
CA SER A 451 1.52 1.00 -32.54
CA SER A 451 1.56 0.99 -32.57
C SER A 451 1.50 -0.41 -31.96
N VAL A 452 2.48 -0.76 -31.12
CA VAL A 452 2.48 -2.09 -30.52
C VAL A 452 1.29 -2.25 -29.57
N TRP A 453 1.06 -1.25 -28.71
CA TRP A 453 -0.12 -1.25 -27.84
C TRP A 453 -1.39 -1.42 -28.64
N ARG A 454 -1.58 -0.56 -29.65
CA ARG A 454 -2.80 -0.61 -30.44
C ARG A 454 -2.94 -1.94 -31.16
N ASP A 455 -1.89 -2.37 -31.86
CA ASP A 455 -2.00 -3.53 -32.73
C ASP A 455 -2.16 -4.83 -31.95
N THR A 456 -1.43 -4.97 -30.83
CA THR A 456 -1.52 -6.23 -30.10
CA THR A 456 -1.51 -6.23 -30.08
C THR A 456 -2.84 -6.33 -29.33
N PHE A 457 -3.33 -5.20 -28.80
CA PHE A 457 -4.61 -5.27 -28.10
C PHE A 457 -5.74 -5.59 -29.07
N VAL A 458 -5.77 -4.89 -30.22
CA VAL A 458 -6.81 -5.16 -31.21
C VAL A 458 -6.71 -6.60 -31.71
N ALA A 459 -5.49 -7.10 -31.90
CA ALA A 459 -5.33 -8.49 -32.33
C ALA A 459 -5.87 -9.47 -31.31
N ASP A 460 -5.71 -9.17 -30.02
CA ASP A 460 -6.26 -10.07 -29.01
C ASP A 460 -7.78 -10.03 -29.00
N LEU A 461 -8.38 -8.86 -29.25
CA LEU A 461 -9.84 -8.81 -29.42
C LEU A 461 -10.27 -9.65 -30.61
N ARG A 462 -9.55 -9.54 -31.72
CA ARG A 462 -9.89 -10.33 -32.89
C ARG A 462 -9.72 -11.83 -32.61
N SER A 463 -8.75 -12.20 -31.77
CA SER A 463 -8.59 -13.61 -31.42
C SER A 463 -9.78 -14.13 -30.63
N VAL A 464 -10.34 -13.30 -29.74
CA VAL A 464 -11.56 -13.70 -29.04
C VAL A 464 -12.67 -14.01 -30.04
N ALA A 465 -12.86 -13.12 -31.02
CA ALA A 465 -13.91 -13.33 -32.02
C ALA A 465 -13.66 -14.61 -32.81
N ALA A 466 -12.41 -14.86 -33.19
CA ALA A 466 -12.12 -16.04 -33.99
C ALA A 466 -12.36 -17.33 -33.21
N ALA A 467 -11.99 -17.33 -31.92
CA ALA A 467 -12.22 -18.52 -31.09
C ALA A 467 -13.70 -18.80 -30.94
N ALA A 468 -14.49 -17.77 -30.65
CA ALA A 468 -15.94 -17.94 -30.55
C ALA A 468 -16.52 -18.49 -31.84
N SER A 469 -15.98 -18.04 -32.98
CA SER A 469 -16.42 -18.56 -34.27
C SER A 469 -16.09 -20.05 -34.42
N VAL A 470 -14.94 -20.46 -33.90
CA VAL A 470 -14.53 -21.86 -34.02
C VAL A 470 -15.47 -22.76 -33.23
N THR A 471 -15.72 -22.45 -31.96
CA THR A 471 -16.62 -23.29 -31.17
C THR A 471 -18.07 -23.18 -31.65
N GLN A 472 -18.45 -22.07 -32.30
CA GLN A 472 -19.81 -21.91 -32.77
C GLN A 472 -20.19 -22.89 -33.87
N ARG A 473 -19.20 -23.46 -34.56
CA ARG A 473 -19.47 -24.40 -35.64
C ARG A 473 -18.59 -25.64 -35.51
N ALA A 474 -19.14 -26.80 -35.86
CA ALA A 474 -18.38 -28.02 -35.97
C ALA A 474 -18.49 -28.66 -37.35
N GLY A 475 -19.41 -28.18 -38.19
CA GLY A 475 -19.65 -28.77 -39.49
C GLY A 475 -18.59 -28.40 -40.52
N ARG A 476 -18.73 -29.00 -41.69
CA ARG A 476 -17.75 -28.83 -42.76
C ARG A 476 -17.79 -27.40 -43.32
N ARG A 477 -16.63 -26.95 -43.77
CA ARG A 477 -16.47 -25.68 -44.47
C ARG A 477 -15.69 -25.94 -45.76
N ILE A 478 -15.54 -24.88 -46.55
CA ILE A 478 -14.81 -24.95 -47.83
C ILE A 478 -15.38 -26.02 -48.72
N MET B 9 20.30 -30.03 28.19
CA MET B 9 19.90 -29.55 26.87
C MET B 9 20.46 -28.16 26.58
N SER B 10 20.37 -27.77 25.31
CA SER B 10 20.79 -26.43 24.91
C SER B 10 19.89 -25.38 25.53
N ARG B 11 20.51 -24.29 25.99
CA ARG B 11 19.76 -23.14 26.50
C ARG B 11 19.01 -22.43 25.38
N LEU B 12 17.82 -21.95 25.71
CA LEU B 12 17.14 -20.96 24.89
C LEU B 12 17.62 -19.57 25.32
N ILE B 13 17.99 -18.74 24.35
CA ILE B 13 18.43 -17.38 24.61
C ILE B 13 17.41 -16.47 23.95
N VAL B 14 16.59 -15.78 24.76
CA VAL B 14 15.59 -14.86 24.23
C VAL B 14 16.20 -13.46 24.16
N VAL B 15 16.09 -12.82 23.01
CA VAL B 15 16.57 -11.46 22.77
C VAL B 15 15.36 -10.59 22.44
N SER B 16 15.12 -9.54 23.23
CA SER B 16 13.91 -8.75 23.01
C SER B 16 14.14 -7.31 23.45
N ASN B 17 13.12 -6.47 23.21
CA ASN B 17 13.22 -5.05 23.56
C ASN B 17 13.45 -4.86 25.04
N ARG B 18 12.74 -5.60 25.87
CA ARG B 18 12.69 -5.28 27.29
C ARG B 18 12.60 -6.57 28.09
N VAL B 19 13.54 -6.78 29.00
CA VAL B 19 13.49 -7.96 29.85
C VAL B 19 12.51 -7.71 30.97
N ALA B 20 11.56 -8.62 31.15
CA ALA B 20 10.55 -8.46 32.19
C ALA B 20 11.21 -8.54 33.56
N ILE B 21 10.97 -7.52 34.39
CA ILE B 21 11.60 -7.39 35.70
C ILE B 21 10.51 -7.35 36.75
N GLY B 22 10.66 -8.16 37.80
CA GLY B 22 9.80 -8.11 38.96
C GLY B 22 8.36 -8.54 38.72
N GLU B 23 7.41 -7.64 39.01
CA GLU B 23 6.00 -7.96 38.85
C GLU B 23 5.62 -8.21 37.40
N ASP B 24 6.43 -7.72 36.44
CA ASP B 24 6.15 -7.97 35.04
C ASP B 24 6.42 -9.41 34.61
N THR B 25 6.97 -10.25 35.50
CA THR B 25 7.13 -11.66 35.21
C THR B 25 5.91 -12.48 35.60
N ARG B 26 4.99 -11.92 36.39
CA ARG B 26 3.75 -12.62 36.69
C ARG B 26 3.00 -12.92 35.40
N PRO B 27 2.46 -14.15 35.25
CA PRO B 27 1.62 -14.43 34.08
C PRO B 27 0.46 -13.46 33.91
N SER B 28 -0.04 -12.89 35.01
CA SER B 28 -1.12 -11.91 34.95
C SER B 28 -0.71 -10.61 34.29
N ALA B 29 0.59 -10.35 34.12
CA ALA B 29 1.05 -9.17 33.41
C ALA B 29 1.08 -9.35 31.90
N GLY B 30 0.90 -10.58 31.40
CA GLY B 30 0.94 -10.86 29.98
C GLY B 30 2.31 -10.57 29.40
N GLY B 31 2.31 -10.15 28.14
CA GLY B 31 3.53 -9.76 27.48
C GLY B 31 4.34 -10.94 26.99
N LEU B 32 5.54 -10.63 26.49
CA LEU B 32 6.41 -11.67 25.98
C LEU B 32 6.76 -12.71 27.05
N ALA B 33 6.79 -12.30 28.32
CA ALA B 33 7.24 -13.22 29.37
C ALA B 33 6.35 -14.47 29.42
N VAL B 34 5.03 -14.31 29.30
CA VAL B 34 4.17 -15.49 29.38
C VAL B 34 4.38 -16.38 28.16
N GLY B 35 4.78 -15.81 27.04
CA GLY B 35 5.04 -16.61 25.86
C GLY B 35 6.29 -17.46 25.97
N VAL B 36 7.36 -16.92 26.57
CA VAL B 36 8.66 -17.59 26.51
C VAL B 36 9.10 -18.21 27.82
N MET B 37 8.46 -17.87 28.96
CA MET B 37 9.04 -18.24 30.24
C MET B 37 9.13 -19.75 30.42
N ASP B 38 8.11 -20.50 30.00
CA ASP B 38 8.17 -21.96 30.16
C ASP B 38 9.39 -22.53 29.44
N ALA B 39 9.73 -21.99 28.27
CA ALA B 39 10.87 -22.49 27.52
C ALA B 39 12.19 -22.05 28.15
N LEU B 40 12.24 -20.84 28.68
CA LEU B 40 13.43 -20.44 29.44
C LEU B 40 13.61 -21.33 30.66
N GLN B 41 12.51 -21.67 31.33
CA GLN B 41 12.61 -22.53 32.52
C GLN B 41 13.05 -23.94 32.15
N GLU B 42 12.47 -24.48 31.07
CA GLU B 42 12.80 -25.86 30.68
C GLU B 42 14.27 -26.00 30.33
N THR B 43 14.84 -24.99 29.67
CA THR B 43 16.17 -25.09 29.10
C THR B 43 17.24 -24.45 29.96
N GLY B 44 16.89 -23.86 31.10
CA GLY B 44 17.86 -23.13 31.90
C GLY B 44 18.42 -21.96 31.12
N GLY B 45 17.52 -21.21 30.48
CA GLY B 45 17.90 -20.26 29.45
C GLY B 45 18.27 -18.88 29.98
N VAL B 46 18.42 -17.95 29.03
CA VAL B 46 18.83 -16.58 29.30
C VAL B 46 17.90 -15.64 28.55
N TRP B 47 17.47 -14.56 29.21
CA TRP B 47 16.70 -13.50 28.57
C TRP B 47 17.57 -12.25 28.58
N PHE B 48 17.93 -11.78 27.40
CA PHE B 48 18.83 -10.65 27.20
C PHE B 48 18.07 -9.47 26.63
N GLY B 49 18.33 -8.29 27.17
CA GLY B 49 17.78 -7.07 26.60
C GLY B 49 17.89 -5.90 27.56
N TRP B 50 17.15 -4.84 27.23
CA TRP B 50 17.18 -3.58 27.97
C TRP B 50 16.53 -3.73 29.35
N ASN B 51 17.07 -3.02 30.34
CA ASN B 51 16.50 -3.00 31.68
C ASN B 51 15.53 -1.83 31.89
N GLY B 52 15.26 -1.05 30.85
CA GLY B 52 14.36 0.09 30.99
C GLY B 52 15.01 1.36 31.48
N GLU B 53 16.31 1.35 31.77
CA GLU B 53 17.00 2.50 32.36
C GLU B 53 17.88 3.19 31.32
N ILE B 54 18.04 4.50 31.49
CA ILE B 54 18.98 5.30 30.71
C ILE B 54 20.25 5.45 31.53
N VAL B 55 21.40 5.20 30.89
CA VAL B 55 22.70 5.30 31.55
C VAL B 55 23.54 6.39 30.89
N GLY B 56 24.46 6.96 31.66
CA GLY B 56 25.27 8.07 31.16
C GLY B 56 26.32 7.66 30.14
N THR B 57 26.83 6.45 30.25
CA THR B 57 27.80 5.86 29.32
C THR B 57 27.41 4.41 29.14
N PRO B 58 27.85 3.77 28.05
CA PRO B 58 27.40 2.39 27.80
C PRO B 58 27.93 1.42 28.84
N ASP B 59 27.10 0.45 29.19
CA ASP B 59 27.49 -0.59 30.13
C ASP B 59 28.66 -1.39 29.57
N ALA B 60 29.60 -1.76 30.44
CA ALA B 60 30.72 -2.58 30.02
C ALA B 60 30.26 -3.98 29.62
N ALA B 61 29.25 -4.51 30.32
CA ALA B 61 28.75 -5.84 30.05
C ALA B 61 27.35 -5.94 30.65
N PRO B 62 26.55 -6.94 30.24
CA PRO B 62 25.22 -7.11 30.85
C PRO B 62 25.32 -7.44 32.33
N ALA B 63 24.38 -6.87 33.10
CA ALA B 63 24.22 -7.28 34.48
C ALA B 63 23.52 -8.63 34.52
N ILE B 64 23.89 -9.46 35.50
CA ILE B 64 23.46 -10.85 35.56
C ILE B 64 22.63 -11.05 36.82
N ARG B 65 21.40 -11.54 36.65
CA ARG B 65 20.54 -11.91 37.76
C ARG B 65 19.92 -13.27 37.48
N ARG B 66 20.03 -14.20 38.43
CA ARG B 66 19.47 -15.52 38.27
C ARG B 66 18.24 -15.67 39.16
N ASP B 67 17.17 -16.19 38.60
CA ASP B 67 15.99 -16.55 39.38
C ASP B 67 15.69 -18.01 39.07
N GLY B 68 15.98 -18.88 40.02
CA GLY B 68 15.86 -20.30 39.80
C GLY B 68 16.74 -20.77 38.65
N ASN B 69 16.10 -21.21 37.58
CA ASN B 69 16.81 -21.79 36.44
C ASN B 69 17.10 -20.78 35.33
N VAL B 70 16.56 -19.57 35.42
CA VAL B 70 16.59 -18.60 34.33
C VAL B 70 17.55 -17.47 34.69
N THR B 71 18.34 -17.03 33.73
CA THR B 71 19.25 -15.91 33.92
C THR B 71 18.75 -14.70 33.13
N TYR B 72 18.79 -13.54 33.76
CA TYR B 72 18.37 -12.30 33.12
C TYR B 72 19.61 -11.44 32.91
N ALA B 73 19.93 -11.17 31.65
CA ALA B 73 21.14 -10.45 31.28
C ALA B 73 20.71 -9.12 30.68
N THR B 74 20.94 -8.02 31.40
CA THR B 74 20.30 -6.75 31.06
C THR B 74 21.35 -5.66 30.93
N VAL B 75 21.09 -4.72 30.01
CA VAL B 75 21.93 -3.52 29.89
C VAL B 75 21.03 -2.30 29.94
N GLY B 76 21.58 -1.19 30.44
CA GLY B 76 20.97 0.10 30.20
C GLY B 76 21.29 0.59 28.79
N LEU B 77 20.62 1.65 28.37
CA LEU B 77 20.87 2.32 27.10
C LEU B 77 21.26 3.77 27.38
N THR B 78 22.28 4.27 26.67
CA THR B 78 22.52 5.70 26.71
C THR B 78 21.37 6.43 26.01
N ARG B 79 21.34 7.76 26.18
CA ARG B 79 20.37 8.56 25.46
C ARG B 79 20.50 8.34 23.96
N ARG B 80 21.74 8.38 23.45
CA ARG B 80 21.94 8.19 22.01
C ARG B 80 21.46 6.80 21.56
N ASP B 81 21.82 5.76 22.32
CA ASP B 81 21.41 4.41 21.94
C ASP B 81 19.90 4.28 21.98
N TYR B 82 19.27 4.81 23.04
CA TYR B 82 17.81 4.80 23.12
C TYR B 82 17.19 5.53 21.92
N ASP B 83 17.69 6.73 21.60
CA ASP B 83 17.12 7.48 20.48
C ASP B 83 17.27 6.72 19.16
N GLN B 84 18.42 6.07 18.94
CA GLN B 84 18.63 5.36 17.69
C GLN B 84 17.81 4.07 17.61
N TYR B 85 17.44 3.50 18.75
CA TYR B 85 16.67 2.27 18.78
C TYR B 85 15.17 2.53 18.72
N TYR B 86 14.68 3.54 19.44
CA TYR B 86 13.25 3.77 19.61
C TYR B 86 12.72 5.01 18.92
N ARG B 87 13.57 5.99 18.62
CA ARG B 87 13.14 7.25 18.04
C ARG B 87 13.92 7.53 16.76
N GLY B 88 14.18 6.46 16.00
CA GLY B 88 14.87 6.59 14.73
C GLY B 88 14.23 5.76 13.64
N PHE B 89 15.04 4.98 12.92
CA PHE B 89 14.59 4.34 11.69
C PHE B 89 13.48 3.32 11.93
N SER B 90 13.58 2.52 13.00
CA SER B 90 12.61 1.45 13.25
CA SER B 90 12.61 1.45 13.18
C SER B 90 11.20 2.00 13.34
N ASN B 91 11.02 3.12 14.02
CA ASN B 91 9.69 3.66 14.20
C ASN B 91 9.34 4.74 13.20
N ALA B 92 10.32 5.42 12.61
CA ALA B 92 10.04 6.41 11.59
C ALA B 92 9.83 5.82 10.21
N THR B 93 10.39 4.65 9.93
CA THR B 93 10.32 4.07 8.59
C THR B 93 9.73 2.67 8.60
N LEU B 94 10.30 1.75 9.38
CA LEU B 94 9.86 0.35 9.34
CA LEU B 94 9.86 0.36 9.32
C LEU B 94 8.42 0.23 9.83
N TRP B 95 8.16 0.66 11.05
CA TRP B 95 6.82 0.50 11.62
C TRP B 95 5.72 1.06 10.73
N PRO B 96 5.78 2.30 10.23
CA PRO B 96 4.64 2.78 9.42
C PRO B 96 4.51 2.04 8.11
N VAL B 97 5.62 1.69 7.45
CA VAL B 97 5.47 0.99 6.17
C VAL B 97 4.89 -0.40 6.40
N PHE B 98 5.37 -1.11 7.43
CA PHE B 98 4.87 -2.46 7.69
C PHE B 98 3.40 -2.46 8.11
N HIS B 99 2.89 -1.33 8.63
CA HIS B 99 1.48 -1.21 8.99
C HIS B 99 0.70 -0.51 7.91
N TYR B 100 1.23 -0.49 6.70
CA TYR B 100 0.49 0.04 5.56
C TYR B 100 0.09 1.51 5.78
N ARG B 101 0.94 2.23 6.53
CA ARG B 101 0.84 3.68 6.70
C ARG B 101 2.12 4.35 6.22
N GLY B 102 2.61 3.96 5.05
CA GLY B 102 3.82 4.54 4.47
C GLY B 102 3.73 6.01 4.10
N ASP B 103 2.52 6.56 3.99
CA ASP B 103 2.40 8.01 3.89
C ASP B 103 3.05 8.70 5.09
N LEU B 104 3.14 8.02 6.21
CA LEU B 104 3.76 8.55 7.42
C LEU B 104 5.25 8.26 7.51
N ALA B 105 5.81 7.43 6.63
CA ALA B 105 7.21 7.04 6.75
C ALA B 105 8.12 8.20 6.36
N ARG B 106 9.28 8.26 7.03
CA ARG B 106 10.31 9.27 6.74
C ARG B 106 11.67 8.60 6.81
N PHE B 107 12.24 8.25 5.67
CA PHE B 107 13.55 7.59 5.67
C PHE B 107 14.68 8.59 5.82
N ASP B 108 15.67 8.22 6.63
CA ASP B 108 16.86 9.05 6.87
C ASP B 108 18.08 8.15 6.97
N ARG B 109 19.13 8.45 6.18
CA ARG B 109 20.29 7.57 6.16
CA ARG B 109 20.33 7.61 6.15
C ARG B 109 20.99 7.50 7.52
N GLN B 110 21.12 8.63 8.22
CA GLN B 110 21.82 8.59 9.52
C GLN B 110 21.04 7.77 10.54
N GLU B 111 19.72 7.89 10.54
CA GLU B 111 18.91 7.06 11.43
C GLU B 111 19.08 5.59 11.09
N TYR B 112 19.11 5.25 9.80
CA TYR B 112 19.32 3.86 9.42
C TYR B 112 20.67 3.34 9.90
N ALA B 113 21.73 4.16 9.71
CA ALA B 113 23.03 3.78 10.23
C ALA B 113 22.99 3.55 11.74
N GLY B 114 22.26 4.41 12.46
CA GLY B 114 22.15 4.22 13.91
C GLY B 114 21.44 2.94 14.28
N TYR B 115 20.38 2.59 13.53
CA TYR B 115 19.70 1.31 13.70
C TYR B 115 20.64 0.13 13.55
N LEU B 116 21.48 0.17 12.50
CA LEU B 116 22.49 -0.89 12.36
C LEU B 116 23.48 -0.85 13.52
N ARG B 117 23.87 0.35 13.94
CA ARG B 117 24.89 0.48 14.96
C ARG B 117 24.41 -0.09 16.29
N VAL B 118 23.21 0.29 16.73
CA VAL B 118 22.74 -0.18 18.02
CA VAL B 118 22.74 -0.17 18.02
C VAL B 118 22.51 -1.69 18.01
N ASN B 119 22.09 -2.24 16.87
CA ASN B 119 21.94 -3.68 16.78
C ASN B 119 23.30 -4.38 16.91
N ALA B 120 24.33 -3.85 16.24
CA ALA B 120 25.66 -4.43 16.36
C ALA B 120 26.20 -4.28 17.78
N MET B 121 25.92 -3.14 18.42
CA MET B 121 26.34 -2.93 19.80
C MET B 121 25.72 -3.97 20.72
N LEU B 122 24.42 -4.25 20.54
CA LEU B 122 23.79 -5.21 21.44
C LEU B 122 24.22 -6.64 21.12
N ALA B 123 24.44 -6.93 19.83
CA ALA B 123 24.92 -8.27 19.47
C ALA B 123 26.28 -8.55 20.08
N LYS B 124 27.13 -7.52 20.14
CA LYS B 124 28.45 -7.69 20.75
C LYS B 124 28.32 -7.96 22.24
N GLN B 125 27.37 -7.29 22.90
CA GLN B 125 27.14 -7.54 24.32
C GLN B 125 26.66 -8.96 24.55
N LEU B 126 25.81 -9.47 23.66
CA LEU B 126 25.25 -10.81 23.86
C LEU B 126 26.29 -11.89 23.55
N ALA B 127 27.10 -11.68 22.51
CA ALA B 127 27.93 -12.76 21.98
C ALA B 127 28.84 -13.34 23.06
N ALA B 128 29.32 -12.52 24.00
CA ALA B 128 30.27 -13.01 25.00
C ALA B 128 29.65 -14.00 25.97
N LEU B 129 28.32 -14.01 26.08
CA LEU B 129 27.58 -14.91 26.96
C LEU B 129 27.26 -16.26 26.32
N LEU B 130 27.37 -16.37 25.00
CA LEU B 130 26.87 -17.53 24.30
C LEU B 130 27.78 -18.73 24.45
N ARG B 131 27.17 -19.90 24.63
CA ARG B 131 27.73 -21.23 24.39
C ARG B 131 27.44 -21.62 22.94
N PRO B 132 28.28 -22.46 22.32
CA PRO B 132 28.13 -22.67 20.86
C PRO B 132 26.83 -23.34 20.46
N ASP B 133 26.14 -24.04 21.36
CA ASP B 133 24.89 -24.68 21.02
C ASP B 133 23.67 -23.97 21.59
N ASP B 134 23.83 -22.77 22.14
CA ASP B 134 22.67 -21.99 22.55
C ASP B 134 21.73 -21.79 21.37
N LEU B 135 20.43 -21.85 21.63
CA LEU B 135 19.39 -21.57 20.64
C LEU B 135 18.92 -20.12 20.85
N ILE B 136 19.12 -19.27 19.85
CA ILE B 136 18.87 -17.83 20.02
C ILE B 136 17.57 -17.46 19.33
N TRP B 137 16.68 -16.79 20.06
CA TRP B 137 15.36 -16.42 19.54
C TRP B 137 15.17 -14.91 19.66
N VAL B 138 15.19 -14.22 18.52
CA VAL B 138 15.15 -12.75 18.47
C VAL B 138 13.74 -12.32 18.15
N HIS B 139 13.25 -11.29 18.86
CA HIS B 139 11.85 -10.86 18.70
C HIS B 139 11.71 -9.46 18.12
N ASP B 140 11.08 -9.39 16.94
CA ASP B 140 10.42 -8.19 16.39
C ASP B 140 11.36 -7.17 15.73
N TYR B 141 10.74 -6.12 15.17
CA TYR B 141 11.36 -5.37 14.09
C TYR B 141 12.49 -4.43 14.54
N HIS B 142 12.55 -4.05 15.83
CA HIS B 142 13.68 -3.25 16.29
C HIS B 142 14.98 -4.02 16.23
N LEU B 143 14.91 -5.35 16.23
CA LEU B 143 16.08 -6.21 16.31
C LEU B 143 16.27 -7.00 15.03
N LEU B 144 15.60 -6.61 13.96
CA LEU B 144 15.72 -7.34 12.71
C LEU B 144 17.17 -7.59 12.28
N PRO B 145 18.10 -6.64 12.35
CA PRO B 145 19.49 -6.92 11.93
C PRO B 145 20.31 -7.77 12.89
N PHE B 146 19.70 -8.31 13.97
CA PHE B 146 20.50 -8.84 15.07
C PHE B 146 21.28 -10.10 14.66
N ALA B 147 20.64 -11.03 13.96
CA ALA B 147 21.36 -12.23 13.53
C ALA B 147 22.52 -11.89 12.61
N HIS B 148 22.30 -10.96 11.68
CA HIS B 148 23.38 -10.57 10.79
C HIS B 148 24.56 -10.03 11.58
N ALA B 149 24.29 -9.19 12.58
CA ALA B 149 25.39 -8.69 13.41
C ALA B 149 26.09 -9.84 14.12
N LEU B 150 25.32 -10.82 14.61
CA LEU B 150 25.94 -11.99 15.24
C LEU B 150 26.77 -12.80 14.24
N ARG B 151 26.27 -12.97 13.01
CA ARG B 151 27.04 -13.72 12.02
C ARG B 151 28.37 -13.03 11.73
N GLU B 152 28.38 -11.69 11.71
CA GLU B 152 29.63 -10.97 11.48
C GLU B 152 30.62 -11.17 12.62
N LEU B 153 30.14 -11.50 13.82
CA LEU B 153 31.02 -11.80 14.94
C LEU B 153 31.44 -13.28 14.97
N GLY B 154 31.06 -14.06 13.98
CA GLY B 154 31.41 -15.46 13.91
C GLY B 154 30.46 -16.41 14.62
N VAL B 155 29.29 -15.94 15.04
CA VAL B 155 28.31 -16.77 15.74
C VAL B 155 27.66 -17.74 14.75
N LYS B 156 27.81 -19.05 15.01
CA LYS B 156 27.26 -20.07 14.16
C LYS B 156 26.02 -20.74 14.77
N ASN B 157 25.57 -20.28 15.95
CA ASN B 157 24.40 -20.84 16.64
C ASN B 157 23.16 -20.86 15.76
N PRO B 158 22.23 -21.77 16.04
CA PRO B 158 20.86 -21.58 15.55
C PRO B 158 20.30 -20.25 16.01
N ILE B 159 19.80 -19.44 15.09
CA ILE B 159 19.14 -18.19 15.43
C ILE B 159 17.79 -18.14 14.71
N GLY B 160 16.75 -17.78 15.46
CA GLY B 160 15.43 -17.61 14.90
C GLY B 160 14.95 -16.19 15.13
N PHE B 161 14.13 -15.71 14.20
CA PHE B 161 13.49 -14.42 14.28
C PHE B 161 11.98 -14.62 14.28
N PHE B 162 11.28 -13.90 15.13
CA PHE B 162 9.82 -13.82 15.02
C PHE B 162 9.39 -12.37 14.88
N LEU B 163 8.65 -12.08 13.81
CA LEU B 163 8.15 -10.74 13.54
C LEU B 163 6.72 -10.65 14.07
N HIS B 164 6.50 -9.77 15.05
CA HIS B 164 5.19 -9.64 15.70
C HIS B 164 4.23 -8.74 14.93
N ILE B 165 4.74 -7.88 14.06
CA ILE B 165 3.93 -6.95 13.26
C ILE B 165 3.75 -7.55 11.87
N PRO B 166 2.92 -6.98 10.99
CA PRO B 166 2.78 -7.55 9.64
C PRO B 166 4.08 -7.45 8.86
N PHE B 167 4.21 -8.33 7.86
CA PHE B 167 5.24 -8.13 6.84
C PHE B 167 4.56 -7.74 5.53
N PRO B 168 4.84 -6.56 5.00
CA PRO B 168 4.11 -6.09 3.82
C PRO B 168 4.51 -6.81 2.52
N SER B 169 3.58 -6.81 1.57
CA SER B 169 3.86 -7.35 0.24
C SER B 169 5.01 -6.57 -0.41
N PRO B 170 5.66 -7.15 -1.42
CA PRO B 170 6.89 -6.51 -1.96
C PRO B 170 6.68 -5.10 -2.45
N ASP B 171 5.54 -4.82 -3.08
CA ASP B 171 5.26 -3.45 -3.54
CA ASP B 171 5.25 -3.47 -3.56
C ASP B 171 5.24 -2.47 -2.41
N VAL B 172 4.77 -2.87 -1.24
CA VAL B 172 4.68 -1.97 -0.11
C VAL B 172 6.00 -1.92 0.66
N LEU B 173 6.68 -3.07 0.76
CA LEU B 173 7.99 -3.14 1.43
C LEU B 173 9.00 -2.21 0.76
N ARG B 174 8.92 -2.06 -0.56
CA ARG B 174 9.90 -1.25 -1.27
C ARG B 174 9.81 0.23 -0.91
N LEU B 175 8.77 0.65 -0.20
CA LEU B 175 8.76 2.00 0.35
C LEU B 175 9.86 2.21 1.37
N VAL B 176 10.42 1.14 1.92
CA VAL B 176 11.59 1.21 2.80
C VAL B 176 12.83 1.13 1.91
N PRO B 177 13.62 2.19 1.78
CA PRO B 177 14.67 2.20 0.75
C PRO B 177 15.68 1.06 0.91
N PRO B 178 16.10 0.70 2.14
CA PRO B 178 17.01 -0.47 2.25
C PRO B 178 16.30 -1.82 2.32
N HIS B 179 15.17 -1.98 1.63
CA HIS B 179 14.43 -3.23 1.73
C HIS B 179 15.30 -4.44 1.36
N ASP B 180 16.16 -4.31 0.35
CA ASP B 180 16.97 -5.47 -0.06
C ASP B 180 17.95 -5.85 1.05
N GLU B 181 18.54 -4.86 1.71
CA GLU B 181 19.45 -5.16 2.81
C GLU B 181 18.70 -5.75 4.01
N LEU B 182 17.48 -5.27 4.26
CA LEU B 182 16.69 -5.82 5.37
C LEU B 182 16.34 -7.28 5.11
N VAL B 183 15.99 -7.60 3.86
CA VAL B 183 15.68 -8.99 3.55
C VAL B 183 16.93 -9.86 3.65
N LYS B 184 18.08 -9.32 3.27
CA LYS B 184 19.34 -10.04 3.52
C LYS B 184 19.55 -10.30 5.01
N PHE B 185 19.27 -9.31 5.85
CA PHE B 185 19.38 -9.54 7.30
C PHE B 185 18.44 -10.63 7.76
N MET B 186 17.24 -10.68 7.20
CA MET B 186 16.30 -11.71 7.62
C MET B 186 16.76 -13.09 7.20
N CYS B 187 17.57 -13.18 6.15
CA CYS B 187 18.10 -14.48 5.75
C CYS B 187 19.33 -14.89 6.56
N ALA B 188 19.79 -14.05 7.48
CA ALA B 188 20.85 -14.48 8.38
C ALA B 188 20.32 -15.38 9.50
N TYR B 189 19.01 -15.41 9.72
CA TYR B 189 18.36 -16.33 10.64
C TYR B 189 18.19 -17.70 10.02
N ASP B 190 18.27 -18.75 10.85
CA ASP B 190 17.98 -20.10 10.38
C ASP B 190 16.49 -20.34 10.30
N VAL B 191 15.72 -19.65 11.13
CA VAL B 191 14.27 -19.72 11.17
C VAL B 191 13.76 -18.29 11.15
N THR B 192 12.89 -17.97 10.21
CA THR B 192 12.24 -16.67 10.15
CA THR B 192 12.24 -16.66 10.16
C THR B 192 10.74 -16.87 10.21
N GLY B 193 10.12 -16.41 11.29
CA GLY B 193 8.72 -16.66 11.55
C GLY B 193 7.88 -15.39 11.51
N PHE B 194 6.62 -15.58 11.12
CA PHE B 194 5.66 -14.52 10.90
C PHE B 194 4.35 -14.88 11.58
N GLN B 195 3.51 -13.86 11.78
CA GLN B 195 2.21 -14.10 12.41
C GLN B 195 1.30 -14.95 11.54
N THR B 196 1.15 -14.61 10.26
CA THR B 196 0.14 -15.25 9.43
C THR B 196 0.76 -15.76 8.15
N ASP B 197 -0.01 -16.63 7.48
CA ASP B 197 0.42 -17.13 6.19
C ASP B 197 0.61 -16.01 5.18
N ALA B 198 -0.19 -14.94 5.29
CA ALA B 198 -0.04 -13.84 4.35
C ALA B 198 1.28 -13.11 4.54
N ASP B 199 1.73 -12.95 5.80
CA ASP B 199 3.05 -12.38 6.06
C ASP B 199 4.15 -13.28 5.51
N ARG B 200 4.03 -14.58 5.76
CA ARG B 200 5.01 -15.54 5.27
C ARG B 200 5.09 -15.49 3.74
N GLN B 201 3.93 -15.45 3.09
CA GLN B 201 3.91 -15.42 1.63
C GLN B 201 4.46 -14.11 1.07
N ALA B 202 4.26 -12.99 1.78
CA ALA B 202 4.82 -11.72 1.32
C ALA B 202 6.34 -11.78 1.30
N PHE B 203 6.93 -12.34 2.35
CA PHE B 203 8.38 -12.50 2.40
C PHE B 203 8.86 -13.44 1.30
N THR B 204 8.16 -14.56 1.13
CA THR B 204 8.51 -15.52 0.09
CA THR B 204 8.51 -15.52 0.09
C THR B 204 8.36 -14.92 -1.30
N ASP B 205 7.31 -14.11 -1.51
CA ASP B 205 7.12 -13.43 -2.80
C ASP B 205 8.29 -12.52 -3.13
N TYR B 206 8.79 -11.78 -2.13
CA TYR B 206 9.93 -10.91 -2.35
C TYR B 206 11.13 -11.73 -2.80
N ILE B 207 11.44 -12.80 -2.06
CA ILE B 207 12.63 -13.58 -2.39
CA ILE B 207 12.61 -13.63 -2.37
C ILE B 207 12.48 -14.25 -3.76
N GLU B 208 11.32 -14.84 -4.04
CA GLU B 208 11.17 -15.60 -5.27
C GLU B 208 11.09 -14.68 -6.49
N ARG B 209 10.20 -13.69 -6.44
CA ARG B 209 9.89 -12.91 -7.63
C ARG B 209 10.96 -11.92 -7.98
N ARG B 210 11.82 -11.55 -7.03
CA ARG B 210 12.93 -10.69 -7.32
C ARG B 210 14.20 -11.46 -7.63
N GLY B 211 14.12 -12.79 -7.76
CA GLY B 211 15.27 -13.56 -8.15
C GLY B 211 16.33 -13.66 -7.08
N ILE B 212 15.95 -13.46 -5.83
CA ILE B 212 16.91 -13.53 -4.74
C ILE B 212 17.13 -14.96 -4.29
N GLY B 213 16.10 -15.81 -4.36
CA GLY B 213 16.28 -17.19 -3.97
C GLY B 213 15.11 -18.04 -4.43
N THR B 214 15.14 -19.29 -4.02
CA THR B 214 14.17 -20.28 -4.46
C THR B 214 13.67 -21.09 -3.27
N ALA B 215 12.48 -21.64 -3.42
CA ALA B 215 11.92 -22.58 -2.46
C ALA B 215 12.22 -24.00 -2.91
N SER B 216 12.85 -24.78 -2.04
CA SER B 216 13.12 -26.17 -2.36
C SER B 216 11.91 -27.04 -2.00
N GLU B 217 11.98 -28.31 -2.40
CA GLU B 217 10.85 -29.22 -2.21
C GLU B 217 10.42 -29.31 -0.75
N ASP B 218 11.37 -29.20 0.18
CA ASP B 218 11.05 -29.26 1.60
C ASP B 218 10.41 -27.98 2.12
N GLY B 219 10.29 -26.94 1.29
CA GLY B 219 9.72 -25.67 1.72
C GLY B 219 10.71 -24.66 2.24
N MET B 220 11.96 -25.06 2.47
CA MET B 220 12.98 -24.11 2.89
CA MET B 220 12.98 -24.11 2.89
C MET B 220 13.24 -23.09 1.80
N LEU B 221 13.74 -21.93 2.20
CA LEU B 221 14.16 -20.90 1.27
C LEU B 221 15.69 -20.90 1.19
N HIS B 222 16.21 -20.85 -0.02
CA HIS B 222 17.64 -20.81 -0.27
C HIS B 222 17.95 -19.43 -0.83
N ALA B 223 18.59 -18.60 -0.03
CA ALA B 223 18.77 -17.20 -0.40
C ALA B 223 19.97 -16.64 0.35
N HIS B 224 20.72 -15.76 -0.32
CA HIS B 224 21.88 -15.11 0.30
C HIS B 224 22.87 -16.13 0.84
N GLY B 225 23.06 -17.21 0.09
CA GLY B 225 23.99 -18.25 0.46
C GLY B 225 23.60 -19.03 1.68
N ARG B 226 22.36 -18.90 2.15
CA ARG B 226 21.91 -19.56 3.37
CA ARG B 226 21.91 -19.57 3.37
C ARG B 226 20.61 -20.30 3.09
N VAL B 227 20.26 -21.20 4.02
CA VAL B 227 19.04 -21.98 3.97
C VAL B 227 18.18 -21.57 5.16
N VAL B 228 16.94 -21.16 4.89
CA VAL B 228 16.09 -20.51 5.89
C VAL B 228 14.75 -21.22 5.96
N LYS B 229 14.37 -21.62 7.17
CA LYS B 229 13.03 -22.10 7.44
C LYS B 229 12.11 -20.89 7.61
N VAL B 230 11.07 -20.81 6.76
CA VAL B 230 10.17 -19.67 6.72
C VAL B 230 8.77 -20.19 7.00
N ALA B 231 8.14 -19.70 8.07
CA ALA B 231 6.85 -20.25 8.45
C ALA B 231 6.07 -19.22 9.23
N ALA B 232 4.77 -19.49 9.36
CA ALA B 232 3.86 -18.70 10.18
C ALA B 232 3.63 -19.41 11.52
N TYR B 233 3.65 -18.63 12.59
CA TYR B 233 3.40 -19.12 13.95
C TYR B 233 2.45 -18.13 14.63
N PRO B 234 1.17 -18.18 14.30
CA PRO B 234 0.25 -17.17 14.85
C PRO B 234 0.19 -17.25 16.37
N ILE B 235 0.40 -16.12 17.03
CA ILE B 235 0.45 -16.08 18.49
C ILE B 235 -0.96 -16.17 19.06
N GLY B 236 -1.18 -17.12 19.97
CA GLY B 236 -2.44 -17.27 20.65
C GLY B 236 -2.41 -16.84 22.10
N VAL B 237 -3.39 -17.32 22.86
CA VAL B 237 -3.55 -16.97 24.26
C VAL B 237 -3.79 -18.26 25.04
N TYR B 238 -4.03 -18.11 26.35
CA TYR B 238 -4.41 -19.23 27.21
C TYR B 238 -5.87 -19.03 27.56
N PRO B 239 -6.80 -19.55 26.75
CA PRO B 239 -8.22 -19.20 26.92
C PRO B 239 -8.80 -19.56 28.27
N ASP B 240 -8.41 -20.72 28.83
CA ASP B 240 -8.96 -21.11 30.13
C ASP B 240 -8.47 -20.19 31.23
N ALA B 241 -7.21 -19.75 31.16
CA ALA B 241 -6.70 -18.81 32.15
C ALA B 241 -7.40 -17.46 32.02
N ILE B 242 -7.62 -17.01 30.79
CA ILE B 242 -8.31 -15.73 30.60
C ILE B 242 -9.72 -15.79 31.17
N ALA B 243 -10.45 -16.88 30.87
CA ALA B 243 -11.82 -16.99 31.37
C ALA B 243 -11.84 -16.98 32.89
N GLN B 244 -10.90 -17.71 33.49
CA GLN B 244 -10.84 -17.74 34.96
CA GLN B 244 -10.81 -17.74 34.95
C GLN B 244 -10.57 -16.35 35.52
N ALA B 245 -9.68 -15.59 34.89
CA ALA B 245 -9.41 -14.24 35.38
C ALA B 245 -10.63 -13.33 35.20
N ALA B 246 -11.30 -13.46 34.05
CA ALA B 246 -12.50 -12.67 33.79
C ALA B 246 -13.53 -12.87 34.90
N VAL B 247 -13.71 -14.11 35.34
CA VAL B 247 -14.65 -14.40 36.43
C VAL B 247 -14.10 -13.86 37.76
N GLN B 248 -12.84 -14.14 38.04
CA GLN B 248 -12.30 -13.84 39.37
C GLN B 248 -12.26 -12.34 39.66
N TYR B 249 -12.18 -11.50 38.62
CA TYR B 249 -12.07 -10.06 38.81
C TYR B 249 -13.40 -9.33 38.64
N GLY B 250 -14.51 -10.07 38.56
CA GLY B 250 -15.79 -9.43 38.24
C GLY B 250 -16.37 -8.54 39.33
N ALA B 251 -15.85 -8.61 40.55
CA ALA B 251 -16.33 -7.78 41.65
C ALA B 251 -15.32 -6.73 42.09
N ARG B 252 -14.22 -6.56 41.35
CA ARG B 252 -13.27 -5.50 41.67
C ARG B 252 -13.91 -4.13 41.49
N LYS B 253 -13.42 -3.17 42.28
CA LYS B 253 -14.04 -1.84 42.30
C LYS B 253 -14.17 -1.21 40.92
N PRO B 254 -13.15 -1.21 40.05
CA PRO B 254 -13.35 -0.59 38.73
C PRO B 254 -14.44 -1.25 37.92
N VAL B 255 -14.60 -2.57 38.04
CA VAL B 255 -15.66 -3.27 37.30
C VAL B 255 -17.03 -2.91 37.87
N LYS B 256 -17.16 -2.93 39.20
CA LYS B 256 -18.41 -2.56 39.84
C LYS B 256 -18.80 -1.13 39.52
N MET B 257 -17.83 -0.22 39.49
CA MET B 257 -18.15 1.17 39.19
C MET B 257 -18.73 1.30 37.79
N LEU B 258 -18.14 0.61 36.81
CA LEU B 258 -18.67 0.68 35.45
C LEU B 258 -20.04 0.01 35.36
N ARG B 259 -20.18 -1.17 35.98
CA ARG B 259 -21.46 -1.85 36.02
C ARG B 259 -22.55 -0.96 36.58
N ASP B 260 -22.27 -0.30 37.72
CA ASP B 260 -23.24 0.58 38.36
C ASP B 260 -23.57 1.77 37.49
N ALA B 261 -22.54 2.39 36.90
CA ALA B 261 -22.76 3.59 36.09
C ALA B 261 -23.60 3.27 34.86
N LEU B 262 -23.42 2.09 34.29
CA LEU B 262 -24.20 1.71 33.10
C LEU B 262 -25.67 1.51 33.44
N GLY B 263 -25.99 1.15 34.68
CA GLY B 263 -27.40 0.99 35.04
C GLY B 263 -28.14 -0.02 34.19
N GLY B 264 -27.44 -1.04 33.71
CA GLY B 264 -28.04 -2.07 32.89
C GLY B 264 -27.95 -1.81 31.40
N ARG B 265 -27.47 -0.64 30.99
CA ARG B 265 -27.26 -0.37 29.58
C ARG B 265 -26.20 -1.31 29.02
N LYS B 266 -26.28 -1.55 27.71
CA LYS B 266 -25.32 -2.42 27.05
CA LYS B 266 -25.32 -2.43 27.07
C LYS B 266 -23.97 -1.72 26.93
N LEU B 267 -22.93 -2.53 26.73
CA LEU B 267 -21.56 -2.05 26.77
C LEU B 267 -20.78 -2.59 25.59
N VAL B 268 -20.11 -1.68 24.87
CA VAL B 268 -19.15 -2.01 23.83
C VAL B 268 -17.76 -1.68 24.38
N MET B 269 -16.87 -2.66 24.36
CA MET B 269 -15.50 -2.48 24.86
C MET B 269 -14.52 -2.39 23.69
N SER B 270 -13.56 -1.49 23.84
CA SER B 270 -12.49 -1.30 22.86
CA SER B 270 -12.48 -1.35 22.88
C SER B 270 -11.23 -0.94 23.63
N VAL B 271 -10.10 -1.59 23.30
CA VAL B 271 -8.85 -1.35 24.00
C VAL B 271 -7.72 -1.28 22.98
N ASP B 272 -7.03 -0.15 22.92
CA ASP B 272 -5.98 0.09 21.93
C ASP B 272 -4.92 1.02 22.48
N ARG B 273 -3.65 0.74 22.16
CA ARG B 273 -2.66 1.80 22.31
C ARG B 273 -2.90 2.86 21.23
N LEU B 274 -2.40 4.06 21.49
CA LEU B 274 -2.64 5.18 20.57
C LEU B 274 -1.55 5.20 19.51
N ASP B 275 -1.89 4.75 18.31
CA ASP B 275 -1.00 4.98 17.17
C ASP B 275 -1.85 5.00 15.91
N TYR B 276 -1.22 5.36 14.80
CA TYR B 276 -2.00 5.63 13.60
C TYR B 276 -2.39 4.37 12.83
N SER B 277 -2.07 3.18 13.34
CA SER B 277 -2.59 1.96 12.74
C SER B 277 -3.98 1.61 13.26
N LYS B 278 -4.47 2.33 14.28
CA LYS B 278 -5.63 1.87 15.02
C LYS B 278 -6.93 2.45 14.49
N GLY B 279 -6.89 3.56 13.76
CA GLY B 279 -8.12 4.12 13.22
C GLY B 279 -9.14 4.49 14.28
N LEU B 280 -8.69 5.19 15.34
CA LEU B 280 -9.58 5.37 16.48
C LEU B 280 -10.61 6.48 16.24
N VAL B 281 -10.29 7.48 15.41
CA VAL B 281 -11.33 8.43 15.02
C VAL B 281 -12.45 7.71 14.30
N GLU B 282 -12.07 6.83 13.36
CA GLU B 282 -13.07 6.00 12.67
C GLU B 282 -13.85 5.14 13.64
N ARG B 283 -13.16 4.53 14.60
CA ARG B 283 -13.80 3.75 15.65
C ARG B 283 -14.93 4.55 16.32
N PHE B 284 -14.63 5.78 16.71
CA PHE B 284 -15.63 6.59 17.41
C PHE B 284 -16.75 7.01 16.45
N GLN B 285 -16.38 7.40 15.23
CA GLN B 285 -17.37 7.94 14.32
C GLN B 285 -18.34 6.88 13.80
N ALA B 286 -17.89 5.63 13.73
CA ALA B 286 -18.81 4.58 13.31
C ALA B 286 -19.80 4.24 14.41
N PHE B 287 -19.40 4.39 15.67
CA PHE B 287 -20.34 4.27 16.78
C PHE B 287 -21.33 5.42 16.77
N GLU B 288 -20.85 6.64 16.53
CA GLU B 288 -21.74 7.78 16.31
C GLU B 288 -22.74 7.49 15.20
N ARG B 289 -22.23 6.99 14.07
CA ARG B 289 -23.11 6.72 12.93
C ARG B 289 -24.15 5.67 13.30
N MET B 290 -23.76 4.66 14.09
CA MET B 290 -24.73 3.66 14.52
CA MET B 290 -24.76 3.67 14.47
C MET B 290 -25.87 4.29 15.31
N LEU B 291 -25.52 5.17 16.26
CA LEU B 291 -26.53 5.83 17.07
C LEU B 291 -27.43 6.74 16.24
N ALA B 292 -26.87 7.35 15.19
CA ALA B 292 -27.68 8.17 14.30
C ALA B 292 -28.59 7.32 13.43
N ASN B 293 -28.07 6.18 12.94
CA ASN B 293 -28.85 5.30 12.06
C ASN B 293 -29.96 4.58 12.81
N ALA B 294 -29.73 4.23 14.06
CA ALA B 294 -30.66 3.46 14.89
C ALA B 294 -30.84 4.18 16.21
N PRO B 295 -31.57 5.31 16.21
CA PRO B 295 -31.64 6.14 17.42
C PRO B 295 -32.32 5.47 18.59
N GLY B 296 -33.01 4.35 18.38
CA GLY B 296 -33.49 3.56 19.51
C GLY B 296 -32.40 3.11 20.44
N TRP B 297 -31.16 3.05 19.95
CA TRP B 297 -30.04 2.67 20.80
C TRP B 297 -29.51 3.82 21.65
N GLN B 298 -29.92 5.05 21.38
CA GLN B 298 -29.48 6.17 22.19
C GLN B 298 -30.01 6.03 23.61
N GLY B 299 -29.12 6.18 24.59
CA GLY B 299 -29.47 5.95 25.98
C GLY B 299 -29.43 4.50 26.42
N ARG B 300 -29.15 3.56 25.51
CA ARG B 300 -29.22 2.13 25.79
C ARG B 300 -27.90 1.40 25.61
N VAL B 301 -26.87 2.05 25.11
CA VAL B 301 -25.56 1.41 24.93
C VAL B 301 -24.49 2.48 25.05
N SER B 302 -23.34 2.11 25.63
CA SER B 302 -22.19 3.00 25.72
C SER B 302 -20.94 2.29 25.20
N LEU B 303 -20.07 3.07 24.56
CA LEU B 303 -18.76 2.63 24.14
C LEU B 303 -17.73 3.05 25.20
N VAL B 304 -16.94 2.09 25.66
CA VAL B 304 -15.81 2.37 26.55
C VAL B 304 -14.54 2.09 25.74
N GLN B 305 -13.75 3.13 25.51
CA GLN B 305 -12.45 3.02 24.86
C GLN B 305 -11.37 3.22 25.90
N ILE B 306 -10.53 2.20 26.10
CA ILE B 306 -9.39 2.27 27.00
C ILE B 306 -8.14 2.36 26.15
N ALA B 307 -7.25 3.28 26.51
CA ALA B 307 -5.96 3.44 25.84
C ALA B 307 -4.89 3.49 26.93
N PRO B 308 -4.02 2.50 27.02
CA PRO B 308 -2.88 2.60 27.93
C PRO B 308 -1.94 3.69 27.47
N PRO B 309 -1.51 4.57 28.38
CA PRO B 309 -0.53 5.60 28.00
C PRO B 309 0.76 4.99 27.47
N THR B 310 1.31 5.63 26.44
CA THR B 310 2.60 5.22 25.85
C THR B 310 3.45 6.46 25.55
N ASP B 313 6.74 7.63 21.17
CA ASP B 313 6.60 8.93 20.51
CA ASP B 313 6.66 8.95 20.56
C ASP B 313 5.65 9.82 21.32
N VAL B 314 6.20 10.74 22.11
CA VAL B 314 5.38 11.60 22.94
C VAL B 314 4.48 12.49 22.09
N GLN B 315 5.00 12.97 20.96
CA GLN B 315 4.22 13.89 20.14
C GLN B 315 3.06 13.19 19.46
N THR B 316 3.28 11.98 18.93
CA THR B 316 2.19 11.25 18.29
C THR B 316 1.14 10.84 19.31
N TYR B 317 1.57 10.34 20.47
CA TYR B 317 0.62 9.95 21.51
C TYR B 317 -0.26 11.13 21.92
N GLN B 318 0.36 12.29 22.17
CA GLN B 318 -0.42 13.42 22.65
C GLN B 318 -1.33 13.98 21.57
N ARG B 319 -0.92 13.93 20.30
CA ARG B 319 -1.76 14.44 19.23
C ARG B 319 -3.00 13.57 19.05
N ILE B 320 -2.82 12.24 19.05
CA ILE B 320 -3.96 11.33 18.95
C ILE B 320 -4.89 11.49 20.15
N ARG B 321 -4.30 11.55 21.36
CA ARG B 321 -5.13 11.66 22.54
C ARG B 321 -6.00 12.91 22.50
N GLU B 322 -5.42 14.05 22.10
CA GLU B 322 -6.21 15.28 22.00
C GLU B 322 -7.28 15.16 20.91
N THR B 323 -6.93 14.54 19.78
CA THR B 323 -7.93 14.33 18.74
C THR B 323 -9.10 13.50 19.24
N LEU B 324 -8.81 12.43 19.97
CA LEU B 324 -9.87 11.54 20.44
C LEU B 324 -10.67 12.17 21.56
N GLU B 325 -10.01 12.93 22.44
CA GLU B 325 -10.75 13.68 23.46
C GLU B 325 -11.72 14.65 22.80
N GLY B 326 -11.31 15.28 21.70
CA GLY B 326 -12.20 16.20 21.02
C GLY B 326 -13.34 15.49 20.32
N GLU B 327 -13.05 14.34 19.70
CA GLU B 327 -14.10 13.58 19.03
C GLU B 327 -15.10 12.99 20.02
N ALA B 328 -14.61 12.43 21.14
CA ALA B 328 -15.54 11.93 22.14
C ALA B 328 -16.40 13.06 22.70
N GLY B 329 -15.77 14.21 22.97
CA GLY B 329 -16.53 15.34 23.47
C GLY B 329 -17.59 15.81 22.50
N ARG B 330 -17.26 15.82 21.19
CA ARG B 330 -18.22 16.25 20.18
C ARG B 330 -19.40 15.28 20.08
N ILE B 331 -19.10 13.98 20.03
CA ILE B 331 -20.14 12.96 19.92
C ILE B 331 -21.03 12.98 21.15
N ASN B 332 -20.42 13.01 22.34
CA ASN B 332 -21.20 13.07 23.57
C ASN B 332 -22.07 14.33 23.60
N GLY B 333 -21.55 15.45 23.11
CA GLY B 333 -22.35 16.66 23.06
C GLY B 333 -23.54 16.55 22.11
N ARG B 334 -23.47 15.65 21.13
CA ARG B 334 -24.56 15.51 20.17
C ARG B 334 -25.69 14.65 20.71
N PHE B 335 -25.37 13.63 21.52
CA PHE B 335 -26.33 12.60 21.92
C PHE B 335 -26.60 12.48 23.41
N SER B 336 -25.70 12.93 24.28
CA SER B 336 -25.76 12.57 25.69
C SER B 336 -27.08 13.00 26.33
N GLN B 337 -27.56 12.16 27.26
CA GLN B 337 -28.77 12.45 28.01
C GLN B 337 -28.48 12.31 29.49
N LEU B 338 -29.53 12.42 30.32
CA LEU B 338 -29.36 12.20 31.74
C LEU B 338 -28.86 10.78 31.99
N ASP B 339 -27.78 10.68 32.75
CA ASP B 339 -27.21 9.39 33.18
C ASP B 339 -26.74 8.56 32.00
N TRP B 340 -26.41 9.17 30.86
CA TRP B 340 -25.88 8.41 29.74
C TRP B 340 -24.72 9.17 29.10
N THR B 341 -23.54 8.55 29.12
CA THR B 341 -22.40 9.04 28.34
C THR B 341 -22.17 8.13 27.14
N PRO B 342 -22.38 8.59 25.90
CA PRO B 342 -22.20 7.70 24.74
C PRO B 342 -20.81 7.10 24.62
N ILE B 343 -19.75 7.90 24.75
CA ILE B 343 -18.38 7.39 24.62
C ILE B 343 -17.59 7.75 25.87
N GLN B 344 -17.11 6.75 26.57
CA GLN B 344 -16.25 6.92 27.74
C GLN B 344 -14.84 6.56 27.30
N TYR B 345 -13.98 7.56 27.16
CA TYR B 345 -12.63 7.39 26.65
C TYR B 345 -11.68 7.54 27.84
N LEU B 346 -11.00 6.44 28.18
CA LEU B 346 -10.21 6.34 29.40
C LEU B 346 -8.75 6.15 29.02
N ASN B 347 -7.91 7.14 29.32
CA ASN B 347 -6.47 7.04 29.09
C ASN B 347 -5.82 6.55 30.38
N ARG B 348 -5.88 5.24 30.58
CA ARG B 348 -5.46 4.65 31.84
C ARG B 348 -4.94 3.24 31.58
N LYS B 349 -4.02 2.81 32.44
CA LYS B 349 -3.50 1.45 32.41
C LYS B 349 -4.23 0.64 33.47
N TYR B 350 -5.06 -0.30 33.06
CA TYR B 350 -5.67 -1.26 33.97
C TYR B 350 -4.89 -2.56 33.91
N GLU B 351 -4.79 -3.27 35.04
CA GLU B 351 -4.17 -4.58 34.96
C GLU B 351 -4.98 -5.46 34.03
N ARG B 352 -4.28 -6.36 33.33
CA ARG B 352 -4.89 -7.22 32.32
C ARG B 352 -6.13 -7.91 32.83
N ASN B 353 -6.08 -8.43 34.05
CA ASN B 353 -7.21 -9.23 34.51
C ASN B 353 -8.46 -8.37 34.67
N LEU B 354 -8.32 -7.09 34.99
CA LEU B 354 -9.50 -6.22 35.04
C LEU B 354 -10.11 -6.06 33.67
N LEU B 355 -9.27 -5.91 32.63
CA LEU B 355 -9.81 -5.81 31.28
C LEU B 355 -10.62 -7.03 30.91
N MET B 356 -10.17 -8.22 31.35
CA MET B 356 -10.93 -9.42 31.04
CA MET B 356 -10.90 -9.47 31.13
C MET B 356 -12.31 -9.37 31.68
N ALA B 357 -12.41 -8.87 32.92
CA ALA B 357 -13.72 -8.74 33.55
C ALA B 357 -14.58 -7.74 32.80
N PHE B 358 -13.99 -6.62 32.34
CA PHE B 358 -14.72 -5.69 31.50
C PHE B 358 -15.22 -6.38 30.23
N PHE B 359 -14.35 -7.18 29.59
CA PHE B 359 -14.75 -7.89 28.38
C PHE B 359 -15.93 -8.82 28.65
N ARG B 360 -15.87 -9.57 29.75
CA ARG B 360 -16.96 -10.51 30.03
C ARG B 360 -18.26 -9.76 30.23
N MET B 361 -18.21 -8.59 30.86
CA MET B 361 -19.44 -7.85 31.13
C MET B 361 -20.03 -7.28 29.85
N SER B 362 -19.18 -6.88 28.90
CA SER B 362 -19.64 -6.23 27.68
C SER B 362 -20.42 -7.19 26.78
N GLN B 363 -21.23 -6.60 25.90
CA GLN B 363 -21.94 -7.35 24.86
C GLN B 363 -21.21 -7.38 23.52
N VAL B 364 -20.29 -6.45 23.29
CA VAL B 364 -19.61 -6.34 22.00
C VAL B 364 -18.15 -6.01 22.28
N GLY B 365 -17.24 -6.70 21.58
CA GLY B 365 -15.84 -6.32 21.55
C GLY B 365 -15.55 -5.68 20.21
N TYR B 366 -15.06 -4.45 20.25
CA TYR B 366 -14.99 -3.58 19.07
C TYR B 366 -13.50 -3.41 18.74
N VAL B 367 -12.99 -4.26 17.86
CA VAL B 367 -11.55 -4.39 17.65
C VAL B 367 -11.28 -4.24 16.16
N THR B 368 -11.21 -3.00 15.67
CA THR B 368 -11.14 -2.75 14.23
C THR B 368 -9.98 -1.85 13.85
N PRO B 369 -8.75 -2.24 14.19
CA PRO B 369 -7.59 -1.49 13.70
C PRO B 369 -7.51 -1.52 12.17
N LEU B 370 -6.86 -0.50 11.62
CA LEU B 370 -6.65 -0.45 10.16
C LEU B 370 -5.69 -1.55 9.70
N ARG B 371 -4.75 -1.94 10.57
CA ARG B 371 -3.77 -2.97 10.25
C ARG B 371 -3.15 -3.43 11.56
N ASP B 372 -3.05 -4.74 11.75
CA ASP B 372 -2.51 -5.28 13.01
C ASP B 372 -1.90 -6.65 12.72
N GLY B 373 -0.70 -6.88 13.25
CA GLY B 373 -0.04 -8.15 12.99
C GLY B 373 -0.82 -9.35 13.51
N MET B 374 -1.54 -9.19 14.62
CA MET B 374 -2.36 -10.27 15.14
C MET B 374 -3.57 -9.69 15.85
N ASN B 375 -3.30 -8.98 16.95
CA ASN B 375 -4.25 -8.38 17.90
C ASN B 375 -4.69 -9.39 18.95
N LEU B 376 -4.02 -9.37 20.10
CA LEU B 376 -4.37 -10.29 21.16
C LEU B 376 -5.63 -9.87 21.93
N VAL B 377 -5.97 -8.58 21.90
CA VAL B 377 -7.24 -8.15 22.51
C VAL B 377 -8.41 -8.89 21.90
N ALA B 378 -8.41 -9.09 20.58
CA ALA B 378 -9.51 -9.81 19.94
C ALA B 378 -9.66 -11.21 20.52
N LYS B 379 -8.54 -11.90 20.73
CA LYS B 379 -8.57 -13.26 21.27
C LYS B 379 -8.94 -13.26 22.76
N GLU B 380 -8.36 -12.33 23.52
CA GLU B 380 -8.73 -12.19 24.93
C GLU B 380 -10.21 -11.89 25.08
N TYR B 381 -10.76 -11.04 24.20
CA TYR B 381 -12.18 -10.72 24.27
C TYR B 381 -13.03 -11.99 24.20
N VAL B 382 -12.76 -12.84 23.21
CA VAL B 382 -13.50 -14.09 23.06
C VAL B 382 -13.34 -14.95 24.31
N ALA B 383 -12.09 -15.16 24.72
CA ALA B 383 -11.84 -16.07 25.84
C ALA B 383 -12.46 -15.59 27.15
N SER B 384 -12.74 -14.29 27.30
CA SER B 384 -13.34 -13.78 28.53
C SER B 384 -14.84 -14.04 28.63
N GLN B 385 -15.50 -14.41 27.53
CA GLN B 385 -16.96 -14.39 27.52
C GLN B 385 -17.54 -15.54 28.34
N ASP B 386 -18.70 -15.27 28.94
CA ASP B 386 -19.52 -16.32 29.53
C ASP B 386 -20.21 -17.11 28.42
N PRO B 387 -19.96 -18.40 28.29
CA PRO B 387 -20.59 -19.16 27.19
C PRO B 387 -22.10 -19.24 27.28
N ALA B 388 -22.69 -18.97 28.45
CA ALA B 388 -24.13 -18.97 28.58
C ALA B 388 -24.77 -17.69 28.08
N ASP B 389 -23.95 -16.65 27.80
CA ASP B 389 -24.40 -15.33 27.36
C ASP B 389 -23.20 -14.58 26.78
N PRO B 390 -22.64 -15.03 25.66
CA PRO B 390 -21.36 -14.48 25.20
C PRO B 390 -21.51 -13.24 24.35
N GLY B 391 -20.53 -12.36 24.46
CA GLY B 391 -20.46 -11.18 23.60
C GLY B 391 -20.06 -11.52 22.18
N VAL B 392 -20.18 -10.50 21.32
CA VAL B 392 -19.89 -10.62 19.88
C VAL B 392 -18.65 -9.80 19.58
N LEU B 393 -17.71 -10.40 18.84
CA LEU B 393 -16.51 -9.72 18.41
C LEU B 393 -16.72 -9.09 17.03
N VAL B 394 -16.50 -7.78 16.94
CA VAL B 394 -16.47 -7.07 15.66
C VAL B 394 -15.00 -6.82 15.36
N LEU B 395 -14.50 -7.36 14.24
CA LEU B 395 -13.07 -7.49 14.03
C LEU B 395 -12.67 -7.00 12.65
N SER B 396 -11.61 -6.19 12.59
CA SER B 396 -11.09 -5.75 11.30
C SER B 396 -10.50 -6.92 10.52
N GLU B 397 -10.82 -6.97 9.22
CA GLU B 397 -10.24 -8.00 8.36
C GLU B 397 -8.75 -7.82 8.15
N PHE B 398 -8.18 -6.69 8.57
CA PHE B 398 -6.75 -6.45 8.42
C PHE B 398 -5.98 -6.71 9.72
N ALA B 399 -6.63 -7.29 10.72
CA ALA B 399 -5.94 -7.83 11.89
C ALA B 399 -5.60 -9.29 11.63
N GLY B 400 -4.35 -9.68 11.97
CA GLY B 400 -3.96 -11.06 11.76
C GLY B 400 -4.92 -12.07 12.36
N ALA B 401 -5.54 -11.73 13.50
CA ALA B 401 -6.46 -12.66 14.14
C ALA B 401 -7.66 -13.00 13.28
N ALA B 402 -7.95 -12.19 12.25
CA ALA B 402 -9.13 -12.43 11.43
C ALA B 402 -9.03 -13.75 10.67
N ALA B 403 -7.80 -14.23 10.39
CA ALA B 403 -7.64 -15.51 9.73
C ALA B 403 -8.09 -16.67 10.60
N GLU B 404 -8.11 -16.49 11.91
CA GLU B 404 -8.48 -17.53 12.84
CA GLU B 404 -8.49 -17.54 12.85
C GLU B 404 -9.89 -17.37 13.41
N LEU B 405 -10.30 -16.14 13.72
CA LEU B 405 -11.55 -15.90 14.46
C LEU B 405 -12.70 -15.75 13.46
N THR B 406 -13.06 -16.88 12.87
CA THR B 406 -14.03 -16.88 11.78
C THR B 406 -15.46 -16.65 12.27
N GLY B 407 -15.70 -16.73 13.57
CA GLY B 407 -17.00 -16.35 14.12
C GLY B 407 -17.18 -14.88 14.40
N ALA B 408 -16.12 -14.06 14.25
CA ALA B 408 -16.27 -12.62 14.41
C ALA B 408 -17.15 -12.07 13.30
N LEU B 409 -17.80 -10.94 13.57
CA LEU B 409 -18.32 -10.11 12.48
C LEU B 409 -17.14 -9.35 11.90
N LEU B 410 -16.69 -9.77 10.71
CA LEU B 410 -15.54 -9.15 10.08
C LEU B 410 -15.96 -7.90 9.33
N VAL B 411 -15.14 -6.86 9.43
CA VAL B 411 -15.43 -5.57 8.81
C VAL B 411 -14.19 -5.03 8.13
N ASN B 412 -14.43 -4.29 7.06
CA ASN B 412 -13.41 -3.46 6.44
C ASN B 412 -13.54 -2.08 7.06
N PRO B 413 -12.60 -1.64 7.89
CA PRO B 413 -12.76 -0.35 8.57
C PRO B 413 -12.71 0.84 7.63
N TYR B 414 -12.37 0.66 6.36
CA TYR B 414 -12.43 1.77 5.42
C TYR B 414 -13.85 2.01 4.90
N ASP B 415 -14.83 1.24 5.37
CA ASP B 415 -16.23 1.56 5.17
C ASP B 415 -16.80 1.80 6.57
N LEU B 416 -16.92 3.08 6.95
CA LEU B 416 -17.50 3.40 8.26
CA LEU B 416 -17.51 3.42 8.25
C LEU B 416 -18.90 2.81 8.43
N SER B 417 -19.68 2.75 7.34
CA SER B 417 -21.02 2.19 7.48
C SER B 417 -21.00 0.69 7.73
N GLN B 418 -19.99 -0.02 7.23
CA GLN B 418 -19.83 -1.43 7.59
C GLN B 418 -19.64 -1.61 9.08
N MET B 419 -18.84 -0.74 9.70
CA MET B 419 -18.62 -0.87 11.13
C MET B 419 -19.86 -0.49 11.92
N ALA B 420 -20.54 0.58 11.51
CA ALA B 420 -21.80 0.94 12.15
C ALA B 420 -22.81 -0.21 12.05
N ASP B 421 -22.92 -0.82 10.87
CA ASP B 421 -23.86 -1.93 10.69
C ASP B 421 -23.47 -3.12 11.56
N ALA B 422 -22.17 -3.40 11.66
CA ALA B 422 -21.75 -4.54 12.47
C ALA B 422 -22.03 -4.30 13.94
N LEU B 423 -21.84 -3.07 14.42
CA LEU B 423 -22.14 -2.78 15.83
C LEU B 423 -23.62 -3.00 16.12
N GLU B 424 -24.48 -2.51 15.23
CA GLU B 424 -25.91 -2.70 15.42
C GLU B 424 -26.27 -4.18 15.40
N ARG B 425 -25.70 -4.93 14.45
CA ARG B 425 -25.98 -6.36 14.37
C ARG B 425 -25.48 -7.08 15.61
N ALA B 426 -24.29 -6.71 16.10
CA ALA B 426 -23.74 -7.36 17.29
C ALA B 426 -24.65 -7.13 18.50
N LEU B 427 -25.14 -5.90 18.67
CA LEU B 427 -25.97 -5.56 19.83
C LEU B 427 -27.35 -6.21 19.77
N SER B 428 -27.79 -6.62 18.59
CA SER B 428 -29.11 -7.20 18.40
CA SER B 428 -29.12 -7.21 18.48
C SER B 428 -29.08 -8.72 18.22
N MET B 429 -27.91 -9.34 18.33
CA MET B 429 -27.77 -10.72 17.87
C MET B 429 -28.43 -11.71 18.83
N PRO B 430 -29.26 -12.63 18.32
CA PRO B 430 -29.89 -13.63 19.19
C PRO B 430 -28.85 -14.52 19.87
N LEU B 431 -29.19 -14.95 21.09
CA LEU B 431 -28.31 -15.79 21.89
C LEU B 431 -27.75 -16.97 21.11
N ALA B 432 -28.60 -17.69 20.38
CA ALA B 432 -28.16 -18.90 19.70
C ALA B 432 -27.06 -18.62 18.68
N GLU B 433 -27.17 -17.50 17.95
CA GLU B 433 -26.10 -17.15 17.01
C GLU B 433 -24.86 -16.65 17.75
N ARG B 434 -25.04 -15.85 18.81
CA ARG B 434 -23.89 -15.43 19.60
C ARG B 434 -23.14 -16.65 20.13
N GLN B 435 -23.87 -17.68 20.57
CA GLN B 435 -23.22 -18.88 21.09
C GLN B 435 -22.52 -19.65 19.98
N ALA B 436 -23.16 -19.79 18.82
CA ALA B 436 -22.50 -20.50 17.73
C ALA B 436 -21.20 -19.80 17.32
N ARG B 437 -21.22 -18.47 17.22
CA ARG B 437 -20.00 -17.76 16.83
C ARG B 437 -18.95 -17.86 17.92
N HIS B 438 -19.38 -17.75 19.18
CA HIS B 438 -18.45 -17.82 20.29
C HIS B 438 -17.77 -19.18 20.34
N GLU B 439 -18.55 -20.26 20.25
CA GLU B 439 -17.95 -21.59 20.32
C GLU B 439 -17.06 -21.87 19.12
N GLU B 440 -17.39 -21.31 17.96
CA GLU B 440 -16.53 -21.44 16.78
C GLU B 440 -15.19 -20.79 17.02
N ASN B 441 -15.21 -19.57 17.56
CA ASN B 441 -13.96 -18.86 17.83
C ASN B 441 -13.18 -19.51 18.97
N LEU B 442 -13.88 -19.96 19.99
CA LEU B 442 -13.19 -20.54 21.14
C LEU B 442 -12.49 -21.84 20.77
N ALA B 443 -13.12 -22.64 19.91
CA ALA B 443 -12.48 -23.87 19.44
C ALA B 443 -11.16 -23.55 18.74
N ARG B 444 -11.15 -22.51 17.90
CA ARG B 444 -9.91 -22.10 17.25
C ARG B 444 -8.88 -21.63 18.26
N LEU B 445 -9.31 -20.88 19.28
CA LEU B 445 -8.36 -20.43 20.29
C LEU B 445 -7.78 -21.60 21.04
N ARG B 446 -8.58 -22.62 21.34
CA ARG B 446 -8.08 -23.76 22.07
C ARG B 446 -7.17 -24.63 21.22
N ALA B 447 -7.34 -24.63 19.90
CA ALA B 447 -6.50 -25.42 19.01
C ALA B 447 -5.18 -24.75 18.68
N ASN B 448 -5.06 -23.45 18.94
CA ASN B 448 -3.81 -22.72 18.74
C ASN B 448 -3.54 -21.84 19.96
N ASP B 449 -3.45 -22.46 21.14
CA ASP B 449 -3.16 -21.64 22.32
C ASP B 449 -1.69 -21.23 22.30
N LEU B 450 -1.30 -20.45 23.31
CA LEU B 450 0.01 -19.80 23.28
C LEU B 450 1.15 -20.83 23.30
N SER B 451 0.93 -22.01 23.88
CA SER B 451 1.97 -23.04 23.89
CA SER B 451 2.00 -23.01 23.89
C SER B 451 2.33 -23.50 22.48
N VAL B 452 1.40 -23.38 21.54
CA VAL B 452 1.70 -23.80 20.17
C VAL B 452 2.78 -22.93 19.55
N TRP B 453 2.65 -21.61 19.67
CA TRP B 453 3.69 -20.70 19.20
C TRP B 453 5.04 -21.05 19.79
N ARG B 454 5.10 -21.16 21.12
CA ARG B 454 6.35 -21.43 21.81
C ARG B 454 6.91 -22.79 21.41
N ASP B 455 6.09 -23.84 21.48
CA ASP B 455 6.60 -25.19 21.29
C ASP B 455 7.06 -25.41 19.85
N THR B 456 6.27 -24.93 18.87
CA THR B 456 6.65 -25.20 17.49
CA THR B 456 6.63 -25.18 17.47
C THR B 456 7.84 -24.35 17.06
N PHE B 457 7.93 -23.10 17.52
CA PHE B 457 9.11 -22.31 17.16
C PHE B 457 10.37 -22.91 17.78
N VAL B 458 10.32 -23.28 19.06
CA VAL B 458 11.48 -23.92 19.69
C VAL B 458 11.80 -25.24 19.01
N ALA B 459 10.76 -26.01 18.63
CA ALA B 459 11.02 -27.27 17.94
C ALA B 459 11.78 -27.03 16.64
N ASP B 460 11.43 -25.95 15.92
CA ASP B 460 12.10 -25.66 14.67
C ASP B 460 13.54 -25.21 14.90
N LEU B 461 13.80 -24.45 15.97
CA LEU B 461 15.19 -24.13 16.31
C LEU B 461 15.99 -25.39 16.63
N ARG B 462 15.38 -26.32 17.37
CA ARG B 462 16.07 -27.56 17.69
C ARG B 462 16.33 -28.40 16.45
N SER B 463 15.44 -28.34 15.45
CA SER B 463 15.67 -29.06 14.20
C SER B 463 16.88 -28.50 13.46
N VAL B 464 17.09 -27.18 13.53
CA VAL B 464 18.30 -26.60 12.96
C VAL B 464 19.53 -27.24 13.56
N ALA B 465 19.57 -27.31 14.90
CA ALA B 465 20.71 -27.92 15.57
C ALA B 465 20.84 -29.40 15.21
N ALA B 466 19.72 -30.11 15.12
CA ALA B 466 19.77 -31.53 14.76
C ALA B 466 20.38 -31.71 13.37
N ALA B 467 19.89 -30.94 12.39
CA ALA B 467 20.48 -31.02 11.06
C ALA B 467 21.94 -30.57 11.05
N ALA B 468 22.30 -29.65 11.96
CA ALA B 468 23.68 -29.17 12.02
C ALA B 468 24.62 -30.29 12.44
N SER B 469 24.21 -31.14 13.38
CA SER B 469 25.04 -32.24 13.84
C SER B 469 24.75 -33.50 13.02
NA NA C . 19.35 17.24 -24.06
C1 EDO D . -0.41 18.43 -29.65
O1 EDO D . -0.16 19.83 -29.77
C2 EDO D . 0.11 17.73 -30.89
O2 EDO D . 1.54 17.82 -30.96
C1 EDO E . 20.81 25.49 -22.22
O1 EDO E . 20.92 26.39 -21.12
C2 EDO E . 20.86 24.07 -21.67
O2 EDO E . 21.97 23.99 -20.78
C1 EDO F . 30.14 21.64 -9.97
O1 EDO F . 30.72 20.36 -10.25
C2 EDO F . 29.58 22.24 -11.26
O2 EDO F . 30.64 22.68 -12.11
C1 EDO G . 6.70 -1.64 -34.05
O1 EDO G . 6.79 -0.34 -34.67
C2 EDO G . 7.78 -1.79 -32.99
O2 EDO G . 7.68 -0.73 -32.01
C1 EDO H . 0.07 1.18 0.48
O1 EDO H . 0.87 1.41 1.63
C2 EDO H . -1.40 1.40 0.85
O2 EDO H . -1.61 2.78 1.11
C1 EDO I . -22.44 -1.32 -13.75
O1 EDO I . -23.62 -0.73 -13.20
C2 EDO I . -22.39 -2.79 -13.37
O2 EDO I . -23.35 -3.53 -14.12
C1 EDO J . -7.42 12.36 -10.00
O1 EDO J . -8.30 12.34 -8.88
C2 EDO J . -6.02 12.67 -9.49
O2 EDO J . -6.04 13.88 -8.74
C1 EDO K . -2.34 6.76 -26.18
O1 EDO K . -1.44 7.79 -25.79
C2 EDO K . -3.09 6.27 -24.94
O2 EDO K . -3.44 7.38 -24.11
C1 EDO L . -7.12 7.06 -20.30
O1 EDO L . -8.34 7.68 -19.89
C2 EDO L . -6.05 8.11 -20.53
O2 EDO L . -6.25 8.75 -21.80
C1 EDO M . -26.25 -0.36 -35.58
O1 EDO M . -26.06 -0.36 -37.00
C2 EDO M . -27.52 0.39 -35.21
O2 EDO M . -27.36 1.79 -35.49
C1 EDO N . 17.26 35.54 -11.43
O1 EDO N . 16.42 35.33 -10.29
C2 EDO N . 16.58 36.49 -12.41
O2 EDO N . 15.29 35.95 -12.74
C1 EDO O . 1.91 29.64 -21.64
O1 EDO O . 0.83 29.31 -20.75
C2 EDO O . 2.41 31.01 -21.24
O2 EDO O . 2.69 31.76 -22.43
C1 EDO P . -10.57 12.73 -13.64
O1 EDO P . -9.57 13.09 -12.68
C2 EDO P . -9.86 12.13 -14.85
O2 EDO P . -10.78 12.02 -15.95
C1 EDO Q . -5.15 -2.83 -36.41
O1 EDO Q . -3.99 -3.49 -35.89
C2 EDO Q . -5.21 -1.40 -35.87
O2 EDO Q . -4.49 -0.49 -36.71
C1 EDO R . 3.18 17.21 1.03
O1 EDO R . 3.66 18.15 2.01
C2 EDO R . 1.85 17.66 0.45
O2 EDO R . 1.90 17.63 -0.99
C1 EDO S . 12.25 21.49 5.00
O1 EDO S . 10.86 21.46 4.59
C2 EDO S . 12.87 20.12 4.82
O2 EDO S . 13.78 20.13 3.71
N SER T . 18.76 3.39 1.34
CA SER T . 20.03 2.69 1.25
C SER T . 19.86 1.32 0.61
O SER T . 19.15 1.18 -0.40
CB SER T . 20.69 2.56 2.62
OG SER T . 21.44 3.72 2.96
OXT SER T . 20.43 0.33 1.08
NA NA U . -20.04 -10.61 27.58
C1 EDO V . 16.90 -2.52 23.66
O1 EDO V . 15.54 -2.16 23.97
C2 EDO V . 17.00 -4.00 23.25
O2 EDO V . 16.80 -4.88 24.37
C1 EDO W . 12.71 6.06 28.41
O1 EDO W . 13.24 6.05 29.74
C2 EDO W . 12.42 7.50 27.97
O2 EDO W . 13.65 8.24 27.89
C1 EDO X . -4.18 -18.17 10.68
O1 EDO X . -2.88 -17.62 10.91
C2 EDO X . -4.25 -19.68 10.93
O2 EDO X . -5.52 -20.15 10.47
C1 EDO Y . -3.65 -5.41 27.15
O1 EDO Y . -2.74 -6.09 28.02
C2 EDO Y . -4.70 -6.40 26.68
O2 EDO Y . -4.11 -7.32 25.76
C1 EDO Z . -19.64 -11.24 9.04
O1 EDO Z . -18.25 -11.58 9.05
C2 EDO Z . -19.91 -9.87 8.42
O2 EDO Z . -19.53 -8.79 9.30
C1 EDO AA . -20.83 -14.87 35.37
O1 EDO AA . -20.43 -14.54 34.03
C2 EDO AA . -19.66 -15.54 36.09
O2 EDO AA . -19.34 -16.79 35.44
C1 EDO BA . -32.52 -3.59 17.02
O1 EDO BA . -31.57 -3.74 18.10
C2 EDO BA . -31.87 -3.00 15.77
O2 EDO BA . -31.39 -1.67 16.03
C1 EDO CA . -23.27 -4.63 30.54
O1 EDO CA . -24.34 -5.56 30.71
C2 EDO CA . -23.23 -3.74 31.78
O2 EDO CA . -24.44 -2.99 31.86
C1 EDO DA . 23.83 -5.72 10.81
O1 EDO DA . 25.09 -6.40 10.86
C2 EDO DA . 23.60 -4.87 12.06
O2 EDO DA . 24.74 -4.03 12.27
C1 EDO EA . 9.42 -25.03 24.75
O1 EDO EA . 10.11 -25.52 25.90
C2 EDO EA . 9.48 -26.08 23.66
O2 EDO EA . 8.60 -27.16 23.96
C1 EDO FA . -32.72 -0.67 20.08
O1 EDO FA . -33.95 -0.08 19.64
C2 EDO FA . -32.71 -0.78 21.60
O2 EDO FA . -33.52 -1.89 22.00
C1 EDO GA . -13.65 2.01 35.33
O1 EDO GA . -14.74 1.97 36.27
C2 EDO GA . -14.21 2.30 33.94
O2 EDO GA . -15.18 3.37 34.03
C1 EDO HA . -4.67 -14.98 32.03
O1 EDO HA . -3.75 -14.81 30.95
C2 EDO HA . -4.21 -14.18 33.25
O2 EDO HA . -4.19 -12.79 32.90
C1 EDO IA . 4.45 -12.71 22.88
C1 EDO IA . 2.33 -12.10 23.85
O1 EDO IA . 3.98 -11.39 23.16
O1 EDO IA . 3.38 -11.30 23.29
C2 EDO IA . 3.38 -13.74 23.26
C2 EDO IA . 2.92 -13.45 24.26
O2 EDO IA . 2.93 -13.52 24.59
O2 EDO IA . 3.87 -13.86 23.28
C1 EDO JA . 7.41 -7.70 20.45
O1 EDO JA . 8.40 -7.06 21.25
C2 EDO JA . 6.57 -8.61 21.34
O2 EDO JA . 6.95 -8.39 22.71
C1 EDO KA . 25.55 8.53 9.79
C1 EDO KA . 25.43 9.92 6.88
O1 EDO KA . 26.25 7.70 10.72
O1 EDO KA . 24.54 10.31 5.84
C2 EDO KA . 25.67 7.94 8.39
C2 EDO KA . 25.02 8.54 7.39
O2 EDO KA . 24.85 8.69 7.47
O2 EDO KA . 25.71 8.25 8.61
C1 EDO LA . 5.05 3.22 16.66
O1 EDO LA . 6.09 4.20 16.71
C2 EDO LA . 3.84 3.79 17.38
O2 EDO LA . 3.55 5.09 16.85
C1 EDO MA . 25.15 -28.66 26.35
O1 EDO MA . 25.78 -27.56 27.04
C2 EDO MA . 24.85 -29.77 27.35
O2 EDO MA . 23.88 -30.66 26.79
C1 EDO NA . 9.39 1.75 24.68
O1 EDO NA . 9.71 0.86 25.75
C2 EDO NA . 10.43 2.87 24.62
O2 EDO NA . 10.53 3.50 25.90
C1 EDO OA . -15.81 -21.06 28.12
O1 EDO OA . -16.30 -22.39 27.86
C2 EDO OA . -16.42 -20.10 27.10
O2 EDO OA . -15.72 -18.85 27.05
C1 EDO PA . -6.43 8.57 14.35
C1 EDO PA . -6.53 8.22 15.48
O1 EDO PA . -6.22 8.11 15.69
O1 EDO PA . -7.44 7.82 14.45
C2 EDO PA . -7.58 7.78 13.73
C2 EDO PA . -5.36 7.25 15.60
O2 EDO PA . -7.63 8.00 12.32
O2 EDO PA . -5.80 5.90 15.53
C1 EDO QA . -21.17 -24.88 18.97
O1 EDO QA . -22.41 -24.46 18.38
C2 EDO QA . -21.31 -26.20 19.71
O2 EDO QA . -20.18 -26.33 20.59
C1 EDO RA . -2.08 -27.00 22.33
O1 EDO RA . -2.61 -26.86 23.64
C2 EDO RA . -3.18 -26.64 21.32
O2 EDO RA . -3.64 -25.31 21.57
#